data_3QNW
#
_entry.id   3QNW
#
_cell.length_a   87.206
_cell.length_b   65.446
_cell.length_c   91.718
_cell.angle_alpha   90.00
_cell.angle_beta   91.24
_cell.angle_gamma   90.00
#
_symmetry.space_group_name_H-M   'P 1 21 1'
#
loop_
_entity.id
_entity.type
_entity.pdbx_description
1 polymer Caspase-6
2 polymer Caspase-6
3 polymer Z-VAD-FMK
4 water water
#
loop_
_entity_poly.entity_id
_entity_poly.type
_entity_poly.pdbx_seq_one_letter_code
_entity_poly.pdbx_strand_id
1 'polypeptide(L)'
;AFYKREMFDPAEKYKMDHRRRGIALIFNHERFFWHLTLPERRGTCADRDNLTRRFSDLGFEVKCFNDLKAEELLLKIHEV
STVSHADADCFVCVFLSHGEGNHIYAYDAKIEIQTLTGLFKGDKCHSLVGKPKIFIIQACRGNQHDVPVIPLDVVD
;
A,C,E,G
2 'polypeptide(L)'
;AASVYTLPAGADFLMCYSVAEGYYSHRETVNGSWYIQDLCEMLGKYGSSLEFTELLTLVNRKVSQRRVDFCKDPSAIGKK
QVPCFASMLTKKLHFFPKSN
;
B,D,F,H
3 'polypeptide(L)' (PHQ)VAD(CF0) X,Y,Z
#
loop_
_chem_comp.id
_chem_comp.type
_chem_comp.name
_chem_comp.formula
CF0 non-polymer fluoromethane 'C H3 F'
PHQ non-polymer 'benzyl chlorocarbonate' 'C8 H7 Cl O2'
#
# COMPACT_ATOMS: atom_id res chain seq x y z
N PHE A 8 0.81 3.15 -18.22
CA PHE A 8 0.26 3.87 -17.03
C PHE A 8 0.30 2.97 -15.80
N ASP A 9 0.68 3.53 -14.65
CA ASP A 9 1.05 2.75 -13.48
C ASP A 9 0.70 3.45 -12.17
N PRO A 10 -0.23 2.86 -11.39
CA PRO A 10 -0.67 3.50 -10.15
C PRO A 10 0.38 3.58 -9.03
N ALA A 11 1.47 2.83 -9.15
CA ALA A 11 2.52 2.82 -8.12
C ALA A 11 3.82 3.47 -8.60
N GLU A 12 3.74 4.30 -9.64
CA GLU A 12 4.94 4.97 -10.14
C GLU A 12 5.47 5.96 -9.13
N LYS A 13 6.79 6.01 -8.99
CA LYS A 13 7.49 6.84 -8.03
C LYS A 13 8.33 7.87 -8.76
N TYR A 14 8.58 9.02 -8.13
CA TYR A 14 9.56 9.97 -8.65
C TYR A 14 10.92 9.30 -8.70
N LYS A 15 11.70 9.62 -9.72
CA LYS A 15 13.05 9.10 -9.85
C LYS A 15 13.94 9.80 -8.82
N MET A 16 14.41 9.06 -7.82
CA MET A 16 15.20 9.63 -6.74
C MET A 16 16.60 8.99 -6.67
N ASP A 17 17.21 8.84 -7.84
CA ASP A 17 18.50 8.15 -7.98
C ASP A 17 19.57 9.05 -8.59
N HIS A 18 19.40 10.37 -8.46
CA HIS A 18 20.39 11.32 -8.95
C HIS A 18 21.59 11.33 -8.00
N ARG A 19 22.67 12.02 -8.37
CA ARG A 19 23.89 11.99 -7.57
C ARG A 19 23.69 12.57 -6.16
N ARG A 20 22.98 13.70 -6.09
CA ARG A 20 22.66 14.35 -4.81
C ARG A 20 21.17 14.30 -4.54
N ARG A 21 20.80 14.45 -3.26
CA ARG A 21 19.41 14.59 -2.88
C ARG A 21 18.91 15.96 -3.33
N GLY A 22 19.61 16.99 -2.88
CA GLY A 22 19.26 18.36 -3.19
C GLY A 22 19.47 19.28 -2.01
N ILE A 23 19.10 20.54 -2.19
CA ILE A 23 19.20 21.54 -1.14
C ILE A 23 17.96 21.48 -0.24
N ALA A 24 18.20 21.46 1.06
CA ALA A 24 17.16 21.64 2.05
C ALA A 24 17.37 23.02 2.65
N LEU A 25 16.70 24.02 2.08
CA LEU A 25 16.83 25.41 2.52
C LEU A 25 15.97 25.66 3.76
N ILE A 26 16.57 26.22 4.81
CA ILE A 26 15.85 26.54 6.04
C ILE A 26 15.93 28.04 6.33
N PHE A 27 14.81 28.74 6.16
CA PHE A 27 14.75 30.19 6.36
C PHE A 27 14.06 30.56 7.67
N ASN A 28 14.76 31.32 8.51
CA ASN A 28 14.19 31.82 9.77
C ASN A 28 13.79 33.30 9.68
N HIS A 29 12.49 33.56 9.78
CA HIS A 29 11.97 34.93 9.73
C HIS A 29 12.14 35.62 11.09
N GLU A 30 13.12 36.52 11.18
CA GLU A 30 13.52 37.12 12.46
C GLU A 30 13.34 38.63 12.58
N ARG A 31 13.51 39.37 11.48
CA ARG A 31 13.41 40.83 11.51
C ARG A 31 12.01 41.34 11.88
N PHE A 32 11.97 42.53 12.48
CA PHE A 32 10.73 43.19 12.93
C PHE A 32 10.00 42.42 14.02
N PHE A 33 10.75 41.67 14.84
CA PHE A 33 10.17 40.92 15.95
C PHE A 33 10.87 41.26 17.26
N TRP A 34 10.17 42.02 18.12
CA TRP A 34 10.71 42.47 19.39
C TRP A 34 10.00 41.77 20.55
N HIS A 35 10.65 41.78 21.71
CA HIS A 35 10.18 41.05 22.90
C HIS A 35 10.24 39.54 22.67
N LEU A 36 11.43 39.07 22.29
CA LEU A 36 11.68 37.65 22.09
C LEU A 36 11.97 37.01 23.45
N THR A 37 11.09 36.14 23.89
CA THR A 37 11.23 35.50 25.20
C THR A 37 12.26 34.36 25.14
N LEU A 38 12.71 33.92 26.31
CA LEU A 38 13.73 32.87 26.38
C LEU A 38 13.24 31.53 25.80
N PRO A 39 12.00 31.12 26.13
CA PRO A 39 11.45 29.91 25.50
C PRO A 39 11.32 30.03 23.98
N GLU A 40 10.90 31.20 23.50
CA GLU A 40 10.81 31.44 22.06
C GLU A 40 12.18 31.34 21.38
N ARG A 41 13.21 31.91 21.99
CA ARG A 41 14.56 31.91 21.42
C ARG A 41 15.14 30.51 21.28
N ARG A 42 15.05 29.72 22.35
CA ARG A 42 15.60 28.36 22.34
C ARG A 42 14.71 27.36 21.59
N GLY A 43 13.44 27.68 21.41
CA GLY A 43 12.55 26.85 20.60
C GLY A 43 12.86 26.97 19.12
N THR A 44 13.10 28.20 18.66
CA THR A 44 13.51 28.45 17.30
C THR A 44 14.80 27.70 16.97
N CYS A 45 15.76 27.75 17.89
CA CYS A 45 17.00 26.98 17.75
C CYS A 45 16.74 25.47 17.80
N ALA A 46 15.75 25.06 18.57
CA ALA A 46 15.37 23.65 18.67
C ALA A 46 14.74 23.16 17.36
N ASP A 47 13.87 23.97 16.77
CA ASP A 47 13.24 23.64 15.50
C ASP A 47 14.27 23.55 14.38
N ARG A 48 15.13 24.55 14.27
CA ARG A 48 16.17 24.56 13.23
C ARG A 48 17.10 23.35 13.33
N ASP A 49 17.64 23.11 14.52
CA ASP A 49 18.58 22.01 14.76
C ASP A 49 17.91 20.67 14.48
N ASN A 50 16.67 20.51 14.92
CA ASN A 50 15.92 19.28 14.72
C ASN A 50 15.71 19.05 13.23
N LEU A 51 15.26 20.09 12.53
CA LEU A 51 15.11 20.06 11.08
C LEU A 51 16.43 19.77 10.37
N THR A 52 17.50 20.37 10.87
CA THR A 52 18.82 20.21 10.27
C THR A 52 19.32 18.76 10.37
N ARG A 53 19.06 18.11 11.50
CA ARG A 53 19.49 16.73 11.71
C ARG A 53 18.69 15.79 10.80
N ARG A 54 17.37 15.91 10.84
CA ARG A 54 16.50 14.95 10.16
C ARG A 54 16.65 14.99 8.65
N PHE A 55 16.77 16.20 8.08
CA PHE A 55 16.94 16.31 6.63
C PHE A 55 18.33 15.88 6.18
N SER A 56 19.36 16.22 6.95
CA SER A 56 20.72 15.78 6.65
C SER A 56 20.82 14.26 6.55
N ASP A 57 20.19 13.56 7.49
CA ASP A 57 20.23 12.09 7.51
C ASP A 57 19.49 11.46 6.34
N LEU A 58 18.63 12.23 5.69
CA LEU A 58 17.93 11.79 4.47
C LEU A 58 18.69 12.19 3.20
N GLY A 59 19.92 12.66 3.34
CA GLY A 59 20.79 12.96 2.21
C GLY A 59 20.77 14.40 1.73
N PHE A 60 20.01 15.27 2.40
CA PHE A 60 19.94 16.67 1.97
C PHE A 60 21.19 17.47 2.39
N GLU A 61 21.52 18.46 1.57
CA GLU A 61 22.56 19.44 1.86
C GLU A 61 21.86 20.65 2.47
N VAL A 62 21.83 20.72 3.80
CA VAL A 62 21.08 21.75 4.51
C VAL A 62 21.76 23.11 4.42
N LYS A 63 20.99 24.12 4.03
CA LYS A 63 21.46 25.50 3.99
C LYS A 63 20.54 26.35 4.88
N CYS A 64 21.11 27.01 5.89
CA CYS A 64 20.35 27.84 6.82
C CYS A 64 20.71 29.30 6.65
N PHE A 65 19.71 30.18 6.66
CA PHE A 65 19.95 31.62 6.75
C PHE A 65 18.73 32.36 7.29
N ASN A 66 18.92 33.63 7.63
CA ASN A 66 17.85 34.46 8.17
C ASN A 66 17.78 35.83 7.47
N ASP A 67 16.88 36.69 7.95
CA ASP A 67 16.64 38.00 7.31
C ASP A 67 17.10 39.18 8.18
N LEU A 68 18.00 38.93 9.14
CA LEU A 68 18.47 39.98 10.05
C LEU A 68 19.36 41.00 9.35
N LYS A 69 20.30 40.51 8.54
CA LYS A 69 21.27 41.39 7.90
C LYS A 69 20.64 42.18 6.76
N ALA A 70 20.12 41.47 5.75
CA ALA A 70 19.52 42.09 4.56
C ALA A 70 20.51 42.13 3.40
N GLU A 71 21.78 42.41 3.71
CA GLU A 71 22.85 42.34 2.72
C GLU A 71 22.99 40.90 2.24
N GLU A 72 23.22 39.99 3.19
CA GLU A 72 23.36 38.57 2.88
C GLU A 72 22.02 37.91 2.53
N LEU A 73 20.90 38.58 2.83
CA LEU A 73 19.57 38.12 2.41
C LEU A 73 19.49 38.17 0.89
N LEU A 74 19.73 39.34 0.33
CA LEU A 74 19.75 39.52 -1.13
C LEU A 74 20.81 38.61 -1.76
N LEU A 75 21.98 38.55 -1.13
CA LEU A 75 23.05 37.65 -1.57
C LEU A 75 22.62 36.18 -1.54
N LYS A 76 21.74 35.84 -0.58
CA LYS A 76 21.22 34.48 -0.46
C LYS A 76 20.08 34.22 -1.44
N ILE A 77 19.16 35.17 -1.56
CA ILE A 77 18.02 35.02 -2.46
C ILE A 77 18.45 34.85 -3.92
N HIS A 78 19.44 35.65 -4.33
CA HIS A 78 19.98 35.54 -5.69
C HIS A 78 20.80 34.27 -5.88
N GLU A 79 21.43 33.79 -4.80
CA GLU A 79 22.17 32.53 -4.83
C GLU A 79 21.24 31.36 -5.11
N VAL A 80 20.10 31.31 -4.41
CA VAL A 80 19.13 30.23 -4.58
C VAL A 80 18.39 30.33 -5.93
N SER A 81 18.29 31.54 -6.45
CA SER A 81 17.71 31.77 -7.78
C SER A 81 18.56 31.13 -8.87
N THR A 82 19.88 31.26 -8.73
CA THR A 82 20.82 30.87 -9.78
C THR A 82 21.45 29.49 -9.57
N VAL A 83 21.03 28.77 -8.52
CA VAL A 83 21.54 27.43 -8.26
C VAL A 83 20.99 26.43 -9.26
N SER A 84 21.86 25.55 -9.75
CA SER A 84 21.46 24.46 -10.64
C SER A 84 21.18 23.21 -9.80
N HIS A 85 20.04 22.57 -10.06
CA HIS A 85 19.65 21.35 -9.37
C HIS A 85 19.65 20.16 -10.32
N ALA A 86 20.45 20.27 -11.39
CA ALA A 86 20.46 19.28 -12.46
C ALA A 86 20.82 17.87 -11.97
N ASP A 87 21.69 17.79 -10.96
CA ASP A 87 22.13 16.51 -10.40
C ASP A 87 21.43 16.18 -9.07
N ALA A 88 20.34 16.88 -8.78
CA ALA A 88 19.61 16.71 -7.52
C ALA A 88 18.28 16.00 -7.73
N ASP A 89 17.84 15.28 -6.70
CA ASP A 89 16.55 14.58 -6.72
C ASP A 89 15.40 15.57 -6.60
N CYS A 90 15.50 16.48 -5.65
CA CYS A 90 14.40 17.39 -5.33
C CYS A 90 14.91 18.68 -4.69
N PHE A 91 13.98 19.48 -4.17
CA PHE A 91 14.31 20.72 -3.45
C PHE A 91 13.35 20.91 -2.29
N VAL A 92 13.89 21.21 -1.12
CA VAL A 92 13.09 21.47 0.08
C VAL A 92 13.38 22.88 0.60
N CYS A 93 12.33 23.59 0.98
CA CYS A 93 12.45 24.91 1.59
C CYS A 93 11.53 25.02 2.81
N VAL A 94 12.12 25.20 3.99
CA VAL A 94 11.34 25.42 5.21
C VAL A 94 11.33 26.91 5.58
N PHE A 95 10.14 27.50 5.66
CA PHE A 95 9.97 28.85 6.16
C PHE A 95 9.50 28.78 7.62
N LEU A 96 10.33 29.28 8.53
CA LEU A 96 10.01 29.28 9.96
C LEU A 96 9.79 30.70 10.49
N SER A 97 8.75 30.88 11.29
CA SER A 97 8.46 32.16 11.93
C SER A 97 7.76 31.97 13.29
N HIS A 98 7.77 33.01 14.09
CA HIS A 98 7.20 32.96 15.44
C HIS A 98 5.69 33.18 15.39
N GLY A 99 4.99 32.64 16.38
CA GLY A 99 3.61 33.03 16.65
C GLY A 99 3.59 34.30 17.48
N GLU A 100 2.41 34.90 17.61
CA GLU A 100 2.23 36.15 18.36
C GLU A 100 3.13 37.29 17.83
N GLY A 101 3.26 37.36 16.52
CA GLY A 101 3.99 38.45 15.87
C GLY A 101 3.13 39.68 15.72
N ASN A 102 3.78 40.84 15.63
CA ASN A 102 3.07 42.09 15.38
C ASN A 102 2.59 42.18 13.94
N HIS A 103 1.88 43.26 13.62
CA HIS A 103 1.26 43.44 12.31
C HIS A 103 2.31 43.47 11.20
N ILE A 104 3.40 44.18 11.45
CA ILE A 104 4.49 44.32 10.47
C ILE A 104 5.14 42.96 10.22
N TYR A 105 5.38 42.20 11.30
CA TYR A 105 6.02 40.89 11.22
C TYR A 105 5.23 39.92 10.33
N ALA A 106 3.95 39.78 10.64
CA ALA A 106 3.06 38.88 9.92
C ALA A 106 2.99 39.25 8.43
N TYR A 107 2.86 40.54 8.15
CA TYR A 107 2.75 41.01 6.78
C TYR A 107 4.04 40.74 6.01
N ASP A 108 5.18 41.00 6.64
CA ASP A 108 6.48 40.74 6.02
C ASP A 108 6.71 39.25 5.77
N ALA A 109 6.09 38.40 6.57
CA ALA A 109 6.13 36.95 6.38
C ALA A 109 5.51 36.55 5.03
N LYS A 110 4.30 37.03 4.78
CA LYS A 110 3.58 36.71 3.54
C LYS A 110 4.37 37.13 2.30
N ILE A 111 5.04 38.28 2.35
CA ILE A 111 5.86 38.75 1.23
C ILE A 111 7.01 37.78 0.95
N GLU A 112 7.72 37.41 2.01
CA GLU A 112 8.81 36.44 1.93
C GLU A 112 8.36 35.07 1.40
N ILE A 113 7.22 34.59 1.90
CA ILE A 113 6.66 33.31 1.45
C ILE A 113 6.27 33.37 -0.03
N GLN A 114 5.63 34.45 -0.45
CA GLN A 114 5.30 34.66 -1.85
C GLN A 114 6.56 34.74 -2.71
N THR A 115 7.59 35.39 -2.19
CA THR A 115 8.84 35.58 -2.92
C THR A 115 9.62 34.27 -3.07
N LEU A 116 9.84 33.56 -1.96
CA LEU A 116 10.57 32.29 -1.97
C LEU A 116 9.95 31.27 -2.92
N THR A 117 8.64 31.10 -2.83
CA THR A 117 7.93 30.18 -3.71
C THR A 117 7.73 30.80 -5.10
N GLY A 118 7.71 32.13 -5.18
CA GLY A 118 7.65 32.83 -6.46
C GLY A 118 8.82 32.51 -7.39
N LEU A 119 9.97 32.18 -6.79
CA LEU A 119 11.17 31.83 -7.55
C LEU A 119 11.08 30.46 -8.21
N PHE A 120 10.07 29.65 -7.85
CA PHE A 120 9.92 28.32 -8.42
C PHE A 120 8.57 28.06 -9.08
N LYS A 121 7.69 29.06 -9.11
CA LYS A 121 6.33 28.89 -9.64
C LYS A 121 6.35 28.78 -11.17
N GLY A 122 5.34 28.11 -11.72
CA GLY A 122 5.22 27.89 -13.16
C GLY A 122 6.49 27.39 -13.82
N ASP A 123 7.22 26.51 -13.12
CA ASP A 123 8.49 25.97 -13.61
C ASP A 123 9.48 27.03 -14.11
N LYS A 124 9.89 27.94 -13.21
CA LYS A 124 10.88 28.97 -13.55
C LYS A 124 12.33 28.47 -13.38
N CYS A 125 12.49 27.35 -12.69
CA CYS A 125 13.80 26.73 -12.49
C CYS A 125 13.85 25.45 -13.33
N HIS A 126 14.48 25.52 -14.50
CA HIS A 126 14.41 24.43 -15.49
C HIS A 126 15.06 23.13 -15.02
N SER A 127 16.04 23.21 -14.13
CA SER A 127 16.69 22.01 -13.62
C SER A 127 15.87 21.30 -12.54
N LEU A 128 14.75 21.91 -12.12
CA LEU A 128 13.81 21.26 -11.20
C LEU A 128 12.50 20.81 -11.87
N VAL A 129 12.43 20.90 -13.19
CA VAL A 129 11.22 20.47 -13.90
C VAL A 129 11.05 18.96 -13.74
N GLY A 130 9.84 18.54 -13.36
CA GLY A 130 9.54 17.13 -13.14
C GLY A 130 10.08 16.59 -11.81
N LYS A 131 10.57 17.47 -10.96
CA LYS A 131 11.13 17.08 -9.66
C LYS A 131 10.35 17.72 -8.51
N PRO A 132 10.17 16.98 -7.40
CA PRO A 132 9.42 17.49 -6.25
C PRO A 132 9.98 18.80 -5.70
N LYS A 133 9.09 19.75 -5.41
CA LYS A 133 9.47 21.02 -4.79
C LYS A 133 8.68 21.19 -3.51
N ILE A 134 9.26 20.76 -2.40
CA ILE A 134 8.54 20.68 -1.13
C ILE A 134 8.70 21.98 -0.34
N PHE A 135 7.59 22.59 0.04
CA PHE A 135 7.63 23.80 0.86
C PHE A 135 6.89 23.57 2.18
N ILE A 136 7.62 23.75 3.27
CA ILE A 136 7.10 23.54 4.61
C ILE A 136 7.02 24.89 5.30
N ILE A 137 5.82 25.34 5.59
CA ILE A 137 5.59 26.70 6.05
C ILE A 137 4.93 26.72 7.42
N GLN A 138 5.63 27.30 8.40
CA GLN A 138 5.07 27.59 9.71
C GLN A 138 4.89 29.09 9.84
N ALA A 139 3.65 29.57 9.75
CA ALA A 139 3.36 30.99 9.92
C ALA A 139 2.08 31.22 10.70
N CYS A 140 2.00 32.40 11.31
CA CYS A 140 0.81 32.85 12.05
C CYS A 140 0.66 34.36 11.91
N ARG A 141 -0.56 34.79 11.55
CA ARG A 141 -0.87 36.21 11.41
C ARG A 141 -1.14 36.84 12.78
N LEU B 7 -1.74 31.80 -3.01
CA LEU B 7 -0.71 30.78 -2.70
C LEU B 7 -0.11 30.17 -3.99
N PRO B 8 0.17 31.02 -5.01
CA PRO B 8 0.53 30.55 -6.38
C PRO B 8 1.61 29.46 -6.42
N ALA B 9 1.21 28.23 -6.70
CA ALA B 9 2.11 27.09 -6.71
C ALA B 9 1.99 26.32 -8.02
N GLY B 10 3.13 26.00 -8.62
CA GLY B 10 3.18 25.27 -9.89
C GLY B 10 3.21 23.74 -9.75
N ALA B 11 3.48 23.06 -10.87
CA ALA B 11 3.46 21.59 -10.93
C ALA B 11 4.61 20.95 -10.15
N ASP B 12 4.35 19.75 -9.63
CA ASP B 12 5.29 19.02 -8.77
C ASP B 12 5.57 19.73 -7.43
N PHE B 13 4.70 20.65 -7.05
CA PHE B 13 4.80 21.30 -5.74
C PHE B 13 4.17 20.43 -4.67
N LEU B 14 4.68 20.53 -3.46
CA LEU B 14 4.04 19.98 -2.28
C LEU B 14 4.12 21.04 -1.19
N MET B 15 2.97 21.61 -0.84
CA MET B 15 2.91 22.67 0.16
C MET B 15 2.45 22.11 1.49
N CYS B 16 3.30 22.20 2.50
CA CYS B 16 2.99 21.68 3.82
C CYS B 16 2.80 22.83 4.80
N TYR B 17 1.64 22.87 5.45
CA TYR B 17 1.29 23.96 6.38
C TYR B 17 1.26 23.48 7.82
N SER B 18 1.78 24.30 8.73
CA SER B 18 1.78 23.98 10.16
C SER B 18 0.38 24.10 10.78
N VAL B 19 -0.51 24.85 10.14
CA VAL B 19 -1.87 25.02 10.65
C VAL B 19 -2.83 25.49 9.55
N ALA B 20 -4.03 24.92 9.51
CA ALA B 20 -5.06 25.35 8.57
C ALA B 20 -5.70 26.66 9.05
N GLU B 21 -6.61 27.20 8.23
CA GLU B 21 -7.35 28.40 8.61
C GLU B 21 -8.39 28.08 9.68
N GLY B 22 -8.57 29.02 10.62
CA GLY B 22 -9.53 28.85 11.71
C GLY B 22 -9.08 27.87 12.80
N TYR B 23 -7.78 27.67 12.93
CA TYR B 23 -7.23 26.83 14.00
C TYR B 23 -6.03 27.52 14.65
N TYR B 24 -5.67 27.04 15.84
CA TYR B 24 -4.73 27.72 16.71
C TYR B 24 -3.36 27.05 16.67
N SER B 25 -2.29 27.84 16.76
CA SER B 25 -0.93 27.32 16.84
C SER B 25 -0.46 27.41 18.29
N HIS B 26 -0.04 26.28 18.85
CA HIS B 26 0.49 26.27 20.21
C HIS B 26 1.84 27.01 20.23
N ARG B 27 2.05 27.82 21.26
CA ARG B 27 3.21 28.71 21.31
C ARG B 27 4.54 27.95 21.40
N GLU B 28 5.61 28.66 21.08
CA GLU B 28 6.94 28.09 21.09
C GLU B 28 7.40 27.79 22.51
N THR B 29 7.86 26.56 22.74
CA THR B 29 8.45 26.17 24.01
C THR B 29 9.96 25.97 23.84
N VAL B 30 10.64 25.69 24.94
CA VAL B 30 12.05 25.35 24.94
C VAL B 30 12.37 24.22 23.94
N ASN B 31 11.45 23.27 23.79
CA ASN B 31 11.64 22.14 22.87
C ASN B 31 11.37 22.48 21.41
N GLY B 32 10.72 23.60 21.16
CA GLY B 32 10.37 24.02 19.80
C GLY B 32 8.87 24.14 19.61
N SER B 33 8.38 23.70 18.45
CA SER B 33 6.96 23.79 18.13
C SER B 33 6.38 22.41 17.89
N TRP B 34 5.10 22.27 18.18
CA TRP B 34 4.39 21.01 17.97
C TRP B 34 4.56 20.47 16.55
N TYR B 35 4.26 21.30 15.56
CA TYR B 35 4.31 20.88 14.16
C TYR B 35 5.69 20.37 13.75
N ILE B 36 6.73 21.10 14.15
CA ILE B 36 8.09 20.76 13.74
C ILE B 36 8.61 19.55 14.53
N GLN B 37 8.27 19.47 15.81
CA GLN B 37 8.64 18.32 16.65
C GLN B 37 8.09 17.01 16.07
N ASP B 38 6.81 17.02 15.75
CA ASP B 38 6.14 15.85 15.20
C ASP B 38 6.60 15.53 13.79
N LEU B 39 6.66 16.54 12.92
CA LEU B 39 7.25 16.36 11.59
C LEU B 39 8.59 15.65 11.72
N CYS B 40 9.45 16.18 12.59
CA CYS B 40 10.80 15.66 12.78
C CYS B 40 10.84 14.29 13.43
N GLU B 41 9.94 14.04 14.38
CA GLU B 41 9.82 12.72 14.98
C GLU B 41 9.45 11.71 13.90
N MET B 42 8.51 12.09 13.03
CA MET B 42 8.07 11.22 11.93
C MET B 42 9.16 11.07 10.87
N LEU B 43 9.83 12.16 10.50
CA LEU B 43 10.95 12.09 9.55
C LEU B 43 12.00 11.12 10.04
N GLY B 44 12.37 11.23 11.32
CA GLY B 44 13.40 10.39 11.92
C GLY B 44 13.03 8.93 12.06
N LYS B 45 11.73 8.64 12.13
CA LYS B 45 11.22 7.29 12.36
C LYS B 45 10.79 6.60 11.05
N TYR B 46 10.11 7.35 10.18
CA TYR B 46 9.56 6.80 8.94
C TYR B 46 10.07 7.42 7.65
N GLY B 47 10.80 8.54 7.74
CA GLY B 47 11.22 9.30 6.55
C GLY B 47 11.87 8.49 5.44
N SER B 48 12.67 7.50 5.83
CA SER B 48 13.46 6.72 4.88
C SER B 48 12.73 5.51 4.32
N SER B 49 11.48 5.32 4.73
CA SER B 49 10.72 4.12 4.35
C SER B 49 9.33 4.43 3.77
N LEU B 50 8.55 5.25 4.47
CA LEU B 50 7.18 5.57 4.05
C LEU B 50 7.15 6.58 2.92
N GLU B 51 6.03 6.62 2.22
CA GLU B 51 5.78 7.62 1.17
C GLU B 51 5.50 8.94 1.88
N PHE B 52 6.01 10.05 1.35
CA PHE B 52 6.04 11.32 2.07
C PHE B 52 4.66 11.91 2.41
N THR B 53 3.68 11.76 1.53
CA THR B 53 2.34 12.26 1.80
C THR B 53 1.67 11.42 2.88
N GLU B 54 2.00 10.13 2.92
CA GLU B 54 1.54 9.27 4.00
C GLU B 54 2.13 9.75 5.33
N LEU B 55 3.43 10.06 5.32
CA LEU B 55 4.12 10.58 6.50
C LEU B 55 3.51 11.88 7.01
N LEU B 56 3.23 12.80 6.10
CA LEU B 56 2.56 14.07 6.44
C LEU B 56 1.12 13.88 6.96
N THR B 57 0.46 12.80 6.55
CA THR B 57 -0.86 12.45 7.12
C THR B 57 -0.72 12.00 8.58
N LEU B 58 0.40 11.38 8.91
CA LEU B 58 0.68 11.01 10.29
C LEU B 58 0.93 12.26 11.11
N VAL B 59 1.65 13.22 10.52
CA VAL B 59 1.91 14.51 11.15
C VAL B 59 0.60 15.28 11.39
N ASN B 60 -0.31 15.22 10.41
CA ASN B 60 -1.66 15.77 10.60
C ASN B 60 -2.36 15.17 11.82
N ARG B 61 -2.21 13.86 12.03
CA ARG B 61 -2.87 13.18 13.15
C ARG B 61 -2.22 13.53 14.49
N LYS B 62 -0.92 13.27 14.58
CA LYS B 62 -0.16 13.46 15.80
C LYS B 62 -0.39 14.86 16.36
N VAL B 63 -0.17 15.88 15.51
CA VAL B 63 -0.35 17.27 15.92
C VAL B 63 -1.79 17.57 16.31
N SER B 64 -2.75 17.16 15.47
CA SER B 64 -4.16 17.43 15.74
C SER B 64 -4.68 16.72 16.99
N GLN B 65 -4.00 15.66 17.42
CA GLN B 65 -4.33 14.99 18.68
C GLN B 65 -3.63 15.63 19.90
N ARG B 66 -2.65 16.49 19.68
CA ARG B 66 -1.95 17.14 20.79
C ARG B 66 -2.92 18.01 21.58
N ARG B 67 -2.92 17.82 22.90
CA ARG B 67 -3.68 18.66 23.81
C ARG B 67 -2.73 19.26 24.84
N VAL B 68 -3.24 20.19 25.63
CA VAL B 68 -2.45 20.81 26.70
C VAL B 68 -3.22 20.69 28.00
N ASP B 69 -2.52 20.77 29.13
CA ASP B 69 -3.14 20.70 30.45
C ASP B 69 -4.12 21.84 30.66
N PHE B 70 -5.41 21.55 30.48
CA PHE B 70 -6.46 22.57 30.58
C PHE B 70 -6.70 23.04 32.02
N CYS B 71 -6.17 22.29 32.99
CA CYS B 71 -6.25 22.66 34.40
C CYS B 71 -5.36 23.86 34.72
N LYS B 72 -4.10 23.79 34.29
CA LYS B 72 -3.17 24.89 34.49
C LYS B 72 -3.56 26.09 33.63
N ASP B 73 -3.81 25.84 32.35
CA ASP B 73 -4.23 26.87 31.41
C ASP B 73 -5.58 26.52 30.80
N PRO B 74 -6.69 26.94 31.45
CA PRO B 74 -8.02 26.83 30.86
C PRO B 74 -8.36 27.96 29.87
N SER B 75 -7.35 28.77 29.53
CA SER B 75 -7.50 29.80 28.49
C SER B 75 -7.63 29.13 27.13
N ALA B 76 -6.64 28.29 26.82
CA ALA B 76 -6.59 27.56 25.57
C ALA B 76 -7.31 26.22 25.73
N ILE B 77 -8.64 26.28 25.70
CA ILE B 77 -9.49 25.11 25.91
C ILE B 77 -10.55 25.03 24.82
N GLY B 78 -10.71 23.84 24.24
CA GLY B 78 -11.60 23.65 23.10
C GLY B 78 -10.95 24.01 21.78
N LYS B 79 -9.63 24.24 21.80
CA LYS B 79 -8.88 24.61 20.61
C LYS B 79 -7.74 23.65 20.36
N LYS B 80 -7.47 23.38 19.09
CA LYS B 80 -6.35 22.54 18.69
C LYS B 80 -5.64 23.08 17.46
N GLN B 81 -4.48 22.50 17.18
CA GLN B 81 -3.72 22.82 15.97
C GLN B 81 -3.93 21.72 14.95
N VAL B 82 -4.56 22.07 13.83
CA VAL B 82 -4.84 21.13 12.75
C VAL B 82 -4.01 21.52 11.52
N PRO B 83 -2.96 20.74 11.21
CA PRO B 83 -2.16 21.07 10.04
C PRO B 83 -2.84 20.71 8.74
N CYS B 84 -2.12 20.86 7.63
CA CYS B 84 -2.68 20.69 6.30
C CYS B 84 -1.54 20.53 5.31
N PHE B 85 -1.81 19.89 4.19
CA PHE B 85 -0.87 19.91 3.08
C PHE B 85 -1.55 19.86 1.72
N ALA B 86 -0.93 20.50 0.74
CA ALA B 86 -1.49 20.64 -0.60
C ALA B 86 -0.51 20.00 -1.58
N SER B 87 -1.01 19.08 -2.39
CA SER B 87 -0.15 18.31 -3.27
C SER B 87 -0.47 18.56 -4.73
N MET B 88 0.57 18.87 -5.49
CA MET B 88 0.49 18.87 -6.94
C MET B 88 1.53 17.91 -7.50
N LEU B 89 1.88 16.91 -6.69
CA LEU B 89 2.77 15.84 -7.10
C LEU B 89 2.03 14.94 -8.07
N THR B 90 2.77 14.34 -8.98
CA THR B 90 2.18 13.42 -9.96
C THR B 90 2.57 11.96 -9.68
N LYS B 91 3.39 11.74 -8.66
CA LYS B 91 3.92 10.41 -8.35
C LYS B 91 4.13 10.24 -6.86
N LYS B 92 4.34 8.99 -6.44
CA LYS B 92 4.74 8.69 -5.08
C LYS B 92 6.11 9.28 -4.81
N LEU B 93 6.34 9.72 -3.57
CA LEU B 93 7.61 10.31 -3.17
C LEU B 93 8.20 9.53 -2.00
N HIS B 94 9.39 8.96 -2.21
CA HIS B 94 10.13 8.24 -1.18
C HIS B 94 11.52 8.85 -1.02
N PHE B 95 12.05 8.79 0.21
CA PHE B 95 13.43 9.23 0.47
C PHE B 95 14.26 8.05 0.97
N PHE B 96 14.42 7.04 0.11
CA PHE B 96 15.25 5.87 0.45
C PHE B 96 16.71 6.31 0.51
N PRO B 97 17.51 5.65 1.38
CA PRO B 97 18.92 6.03 1.50
C PRO B 97 19.63 5.99 0.14
N LYS B 98 20.37 7.05 -0.18
CA LYS B 98 21.04 7.14 -1.47
C LYS B 98 22.26 6.22 -1.55
N SER B 99 22.31 5.41 -2.60
CA SER B 99 23.38 4.45 -2.79
C SER B 99 24.71 5.13 -3.10
N PHE C 8 0.67 3.32 18.29
CA PHE C 8 0.71 4.21 17.09
C PHE C 8 0.93 3.41 15.80
N ASP C 9 -0.07 3.44 14.92
CA ASP C 9 -0.05 2.67 13.68
C ASP C 9 0.15 3.60 12.48
N PRO C 10 1.30 3.52 11.81
CA PRO C 10 1.51 4.35 10.61
C PRO C 10 0.66 3.93 9.41
N ALA C 11 0.03 2.76 9.47
CA ALA C 11 -0.86 2.30 8.39
C ALA C 11 -2.33 2.40 8.78
N GLU C 12 -2.63 3.17 9.83
CA GLU C 12 -4.00 3.33 10.30
C GLU C 12 -4.89 3.89 9.20
N LYS C 13 -6.14 3.41 9.18
CA LYS C 13 -7.12 3.80 8.17
C LYS C 13 -8.39 4.27 8.87
N TYR C 14 -9.12 5.19 8.24
CA TYR C 14 -10.44 5.57 8.75
C TYR C 14 -11.28 4.30 8.84
N LYS C 15 -12.04 4.16 9.92
CA LYS C 15 -12.98 3.05 10.07
C LYS C 15 -14.14 3.24 9.11
N MET C 16 -14.25 2.36 8.11
CA MET C 16 -15.29 2.46 7.10
C MET C 16 -16.22 1.25 7.16
N ASP C 17 -16.70 0.94 8.36
CA ASP C 17 -17.50 -0.26 8.61
C ASP C 17 -18.93 0.05 9.06
N HIS C 18 -19.42 1.22 8.72
CA HIS C 18 -20.79 1.61 9.08
C HIS C 18 -21.76 0.97 8.10
N ARG C 19 -23.06 0.97 8.44
CA ARG C 19 -24.08 0.36 7.60
C ARG C 19 -24.12 0.93 6.18
N ARG C 20 -23.91 2.25 6.08
CA ARG C 20 -23.87 2.95 4.79
C ARG C 20 -22.52 3.61 4.53
N ARG C 21 -22.21 3.79 3.25
CA ARG C 21 -21.06 4.60 2.82
C ARG C 21 -21.33 6.07 3.13
N GLY C 22 -22.51 6.54 2.74
CA GLY C 22 -22.91 7.93 2.93
C GLY C 22 -23.39 8.56 1.63
N ILE C 23 -23.83 9.80 1.73
CA ILE C 23 -24.31 10.55 0.57
C ILE C 23 -23.15 11.06 -0.28
N ALA C 24 -23.28 10.92 -1.60
CA ALA C 24 -22.40 11.58 -2.56
C ALA C 24 -23.22 12.68 -3.24
N LEU C 25 -23.13 13.89 -2.72
CA LEU C 25 -23.89 15.03 -3.24
C LEU C 25 -23.23 15.57 -4.51
N ILE C 26 -24.00 15.66 -5.60
CA ILE C 26 -23.52 16.27 -6.83
C ILE C 26 -24.29 17.58 -7.08
N PHE C 27 -23.61 18.71 -6.90
CA PHE C 27 -24.22 20.02 -7.09
C PHE C 27 -23.80 20.61 -8.42
N ASN C 28 -24.76 21.16 -9.15
CA ASN C 28 -24.49 21.84 -10.42
C ASN C 28 -24.81 23.33 -10.30
N HIS C 29 -23.83 24.17 -10.59
CA HIS C 29 -23.99 25.62 -10.57
C HIS C 29 -24.45 26.05 -11.95
N GLU C 30 -25.74 26.31 -12.10
CA GLU C 30 -26.34 26.54 -13.41
C GLU C 30 -26.89 27.96 -13.61
N ARG C 31 -27.32 28.60 -12.53
CA ARG C 31 -28.00 29.89 -12.64
C ARG C 31 -27.04 31.02 -13.02
N PHE C 32 -27.59 32.04 -13.69
CA PHE C 32 -26.85 33.21 -14.15
C PHE C 32 -25.74 32.85 -15.16
N PHE C 33 -25.98 31.80 -15.93
CA PHE C 33 -25.12 31.40 -17.03
C PHE C 33 -25.98 31.47 -18.28
N TRP C 34 -25.69 32.42 -19.17
CA TRP C 34 -26.52 32.64 -20.37
C TRP C 34 -25.71 32.53 -21.65
N HIS C 35 -25.13 31.35 -21.84
CA HIS C 35 -24.51 30.96 -23.10
C HIS C 35 -24.89 29.50 -23.32
N LEU C 36 -24.09 28.58 -22.78
CA LEU C 36 -24.41 27.16 -22.74
C LEU C 36 -24.55 26.55 -24.14
N THR C 37 -23.40 26.29 -24.76
CA THR C 37 -23.33 25.69 -26.09
C THR C 37 -23.61 24.18 -26.05
N LEU C 38 -23.65 23.57 -27.23
CA LEU C 38 -23.95 22.13 -27.35
C LEU C 38 -22.96 21.25 -26.60
N PRO C 39 -21.64 21.51 -26.72
CA PRO C 39 -20.67 20.73 -25.95
C PRO C 39 -20.82 20.90 -24.44
N GLU C 40 -21.01 22.14 -23.98
CA GLU C 40 -21.19 22.41 -22.56
C GLU C 40 -22.44 21.71 -22.02
N ARG C 41 -23.52 21.81 -22.76
CA ARG C 41 -24.80 21.21 -22.38
C ARG C 41 -24.66 19.71 -22.15
N ARG C 42 -24.11 19.01 -23.14
CA ARG C 42 -24.01 17.56 -23.07
C ARG C 42 -22.80 17.10 -22.25
N GLY C 43 -21.78 17.94 -22.17
CA GLY C 43 -20.63 17.66 -21.33
C GLY C 43 -20.97 17.68 -19.85
N THR C 44 -21.90 18.54 -19.47
CA THR C 44 -22.33 18.62 -18.08
C THR C 44 -23.07 17.33 -17.71
N CYS C 45 -23.93 16.88 -18.62
CA CYS C 45 -24.68 15.62 -18.43
C CYS C 45 -23.75 14.41 -18.38
N ALA C 46 -22.68 14.44 -19.16
CA ALA C 46 -21.71 13.34 -19.19
C ALA C 46 -20.91 13.26 -17.89
N ASP C 47 -20.54 14.40 -17.32
CA ASP C 47 -19.80 14.46 -16.05
C ASP C 47 -20.67 14.01 -14.89
N ARG C 48 -21.90 14.50 -14.82
CA ARG C 48 -22.84 14.12 -13.77
C ARG C 48 -23.14 12.62 -13.83
N ASP C 49 -23.34 12.11 -15.05
CA ASP C 49 -23.58 10.68 -15.27
C ASP C 49 -22.39 9.84 -14.88
N ASN C 50 -21.21 10.24 -15.36
CA ASN C 50 -19.99 9.50 -15.07
C ASN C 50 -19.74 9.45 -13.57
N LEU C 51 -19.80 10.63 -12.93
CA LEU C 51 -19.66 10.72 -11.47
C LEU C 51 -20.67 9.85 -10.76
N THR C 52 -21.93 9.90 -11.19
CA THR C 52 -23.01 9.16 -10.54
C THR C 52 -22.77 7.66 -10.57
N ARG C 53 -22.28 7.14 -11.70
CA ARG C 53 -22.03 5.72 -11.83
C ARG C 53 -20.85 5.27 -10.96
N ARG C 54 -19.77 6.05 -10.96
CA ARG C 54 -18.58 5.65 -10.23
C ARG C 54 -18.78 5.64 -8.71
N PHE C 55 -19.47 6.64 -8.18
CA PHE C 55 -19.73 6.70 -6.75
C PHE C 55 -20.75 5.66 -6.29
N SER C 56 -21.77 5.40 -7.10
CA SER C 56 -22.71 4.32 -6.80
C SER C 56 -22.00 2.97 -6.70
N ASP C 57 -21.05 2.73 -7.60
CA ASP C 57 -20.27 1.49 -7.58
C ASP C 57 -19.40 1.37 -6.32
N LEU C 58 -19.09 2.50 -5.68
CA LEU C 58 -18.38 2.50 -4.40
C LEU C 58 -19.34 2.53 -3.19
N GLY C 59 -20.62 2.32 -3.44
CA GLY C 59 -21.61 2.18 -2.36
C GLY C 59 -22.30 3.46 -1.92
N PHE C 60 -22.03 4.57 -2.62
CA PHE C 60 -22.60 5.87 -2.24
C PHE C 60 -24.07 6.02 -2.62
N GLU C 61 -24.77 6.86 -1.85
CA GLU C 61 -26.15 7.23 -2.13
C GLU C 61 -26.16 8.59 -2.83
N VAL C 62 -26.22 8.57 -4.17
CA VAL C 62 -26.03 9.79 -4.96
C VAL C 62 -27.27 10.70 -4.97
N LYS C 63 -27.04 11.98 -4.68
CA LYS C 63 -28.10 13.00 -4.63
C LYS C 63 -27.70 14.17 -5.51
N CYS C 64 -28.59 14.58 -6.41
CA CYS C 64 -28.30 15.65 -7.37
C CYS C 64 -29.32 16.78 -7.32
N PHE C 65 -28.82 18.01 -7.38
CA PHE C 65 -29.66 19.18 -7.59
C PHE C 65 -28.86 20.39 -8.06
N ASN C 66 -29.56 21.44 -8.45
CA ASN C 66 -28.92 22.68 -8.92
C ASN C 66 -29.57 23.92 -8.29
N ASP C 67 -29.10 25.08 -8.69
CA ASP C 67 -29.54 26.36 -8.11
C ASP C 67 -30.55 27.10 -8.99
N LEU C 68 -31.18 26.41 -9.94
CA LEU C 68 -32.11 27.05 -10.87
C LEU C 68 -33.35 27.58 -10.15
N LYS C 69 -34.01 26.70 -9.40
CA LYS C 69 -35.19 27.08 -8.62
C LYS C 69 -34.77 27.40 -7.18
N ALA C 70 -34.82 28.68 -6.83
CA ALA C 70 -34.45 29.17 -5.50
C ALA C 70 -35.32 28.58 -4.38
N GLU C 71 -36.57 28.28 -4.70
CA GLU C 71 -37.50 27.69 -3.75
C GLU C 71 -36.98 26.35 -3.25
N GLU C 72 -36.79 25.39 -4.17
CA GLU C 72 -36.32 24.06 -3.79
C GLU C 72 -34.80 23.97 -3.61
N LEU C 73 -34.09 25.08 -3.87
CA LEU C 73 -32.68 25.18 -3.53
C LEU C 73 -32.53 25.17 -2.02
N LEU C 74 -33.16 26.15 -1.36
CA LEU C 74 -33.08 26.31 0.10
C LEU C 74 -33.59 25.07 0.85
N LEU C 75 -34.65 24.45 0.34
CA LEU C 75 -35.17 23.22 0.93
C LEU C 75 -34.17 22.07 0.81
N LYS C 76 -33.46 22.00 -0.32
CA LYS C 76 -32.43 20.98 -0.51
C LYS C 76 -31.22 21.27 0.38
N ILE C 77 -30.78 22.51 0.37
CA ILE C 77 -29.71 22.98 1.26
C ILE C 77 -30.04 22.68 2.72
N HIS C 78 -31.29 22.91 3.12
CA HIS C 78 -31.72 22.70 4.50
C HIS C 78 -31.75 21.21 4.87
N GLU C 79 -32.22 20.37 3.95
CA GLU C 79 -32.31 18.93 4.19
C GLU C 79 -30.91 18.32 4.43
N VAL C 80 -29.96 18.66 3.57
CA VAL C 80 -28.58 18.19 3.72
C VAL C 80 -27.92 18.73 4.99
N SER C 81 -28.29 19.93 5.40
CA SER C 81 -27.78 20.51 6.66
C SER C 81 -28.23 19.70 7.88
N THR C 82 -29.40 19.06 7.78
CA THR C 82 -30.04 18.43 8.93
C THR C 82 -30.01 16.90 8.93
N VAL C 83 -29.85 16.28 7.76
CA VAL C 83 -29.88 14.81 7.64
C VAL C 83 -28.71 14.17 8.42
N SER C 84 -28.97 13.00 8.99
CA SER C 84 -28.02 12.31 9.86
C SER C 84 -27.04 11.45 9.08
N HIS C 85 -25.77 11.43 9.52
CA HIS C 85 -24.71 10.63 8.92
C HIS C 85 -24.16 9.58 9.90
N ALA C 86 -24.90 9.32 10.99
CA ALA C 86 -24.41 8.47 12.07
C ALA C 86 -24.20 7.01 11.66
N ASP C 87 -24.92 6.57 10.64
CA ASP C 87 -24.73 5.23 10.07
C ASP C 87 -23.90 5.29 8.79
N ALA C 88 -23.17 6.38 8.59
CA ALA C 88 -22.40 6.61 7.36
C ALA C 88 -20.90 6.56 7.61
N ASP C 89 -20.15 6.08 6.62
CA ASP C 89 -18.69 6.06 6.66
C ASP C 89 -18.13 7.47 6.48
N CYS C 90 -18.51 8.10 5.37
CA CYS C 90 -17.95 9.39 4.96
C CYS C 90 -19.02 10.27 4.35
N PHE C 91 -18.59 11.41 3.81
CA PHE C 91 -19.49 12.28 3.04
C PHE C 91 -18.73 12.86 1.86
N VAL C 92 -19.36 12.79 0.68
CA VAL C 92 -18.80 13.39 -0.52
C VAL C 92 -19.75 14.47 -1.06
N CYS C 93 -19.16 15.56 -1.55
CA CYS C 93 -19.89 16.64 -2.17
C CYS C 93 -19.09 17.10 -3.38
N VAL C 94 -19.73 17.15 -4.54
CA VAL C 94 -19.07 17.56 -5.78
C VAL C 94 -19.71 18.82 -6.31
N PHE C 95 -18.90 19.87 -6.48
CA PHE C 95 -19.36 21.15 -7.00
C PHE C 95 -18.89 21.32 -8.44
N LEU C 96 -19.84 21.38 -9.36
CA LEU C 96 -19.53 21.50 -10.79
C LEU C 96 -20.02 22.83 -11.35
N SER C 97 -19.10 23.62 -11.91
CA SER C 97 -19.47 24.89 -12.54
C SER C 97 -18.83 25.03 -13.91
N HIS C 98 -19.47 25.80 -14.79
CA HIS C 98 -19.03 25.96 -16.15
C HIS C 98 -17.75 26.80 -16.21
N GLY C 99 -17.10 26.80 -17.38
CA GLY C 99 -15.94 27.65 -17.64
C GLY C 99 -16.37 28.93 -18.34
N GLU C 100 -15.47 29.92 -18.35
CA GLU C 100 -15.73 31.22 -18.97
C GLU C 100 -17.19 31.68 -18.84
N GLY C 101 -17.72 31.63 -17.62
CA GLY C 101 -19.00 32.25 -17.29
C GLY C 101 -18.77 33.72 -17.01
N ASN C 102 -19.85 34.47 -16.83
CA ASN C 102 -19.75 35.91 -16.57
C ASN C 102 -19.32 36.17 -15.12
N HIS C 103 -19.11 37.44 -14.79
CA HIS C 103 -18.57 37.81 -13.48
C HIS C 103 -19.56 37.57 -12.33
N ILE C 104 -20.85 37.67 -12.61
CA ILE C 104 -21.87 37.35 -11.63
C ILE C 104 -21.92 35.84 -11.40
N TYR C 105 -21.70 35.08 -12.47
CA TYR C 105 -21.67 33.61 -12.39
C TYR C 105 -20.52 33.13 -11.54
N ALA C 106 -19.34 33.71 -11.75
CA ALA C 106 -18.14 33.31 -11.02
C ALA C 106 -18.22 33.69 -9.54
N TYR C 107 -18.66 34.91 -9.26
CA TYR C 107 -18.81 35.38 -7.89
C TYR C 107 -19.82 34.52 -7.13
N ASP C 108 -20.92 34.18 -7.79
CA ASP C 108 -21.95 33.32 -7.19
C ASP C 108 -21.36 31.96 -6.80
N ALA C 109 -20.43 31.46 -7.60
CA ALA C 109 -19.77 30.17 -7.36
C ALA C 109 -18.96 30.18 -6.06
N LYS C 110 -18.19 31.24 -5.85
CA LYS C 110 -17.37 31.37 -4.64
C LYS C 110 -18.23 31.38 -3.39
N ILE C 111 -19.37 32.06 -3.45
CA ILE C 111 -20.28 32.15 -2.31
C ILE C 111 -20.96 30.80 -2.03
N GLU C 112 -21.29 30.06 -3.08
CA GLU C 112 -21.92 28.75 -2.94
C GLU C 112 -20.93 27.74 -2.36
N ILE C 113 -19.68 27.78 -2.81
CA ILE C 113 -18.64 26.88 -2.32
C ILE C 113 -18.35 27.11 -0.84
N GLN C 114 -18.24 28.36 -0.42
CA GLN C 114 -18.01 28.70 0.98
C GLN C 114 -19.16 28.22 1.87
N THR C 115 -20.39 28.39 1.37
CA THR C 115 -21.58 27.99 2.10
C THR C 115 -21.67 26.47 2.22
N LEU C 116 -21.43 25.77 1.12
CA LEU C 116 -21.45 24.29 1.12
C LEU C 116 -20.42 23.72 2.08
N THR C 117 -19.18 24.22 2.00
CA THR C 117 -18.11 23.76 2.87
C THR C 117 -18.34 24.23 4.31
N GLY C 118 -19.01 25.38 4.45
CA GLY C 118 -19.32 25.94 5.76
C GLY C 118 -20.37 25.17 6.55
N LEU C 119 -21.21 24.41 5.85
CA LEU C 119 -22.21 23.57 6.51
C LEU C 119 -21.56 22.50 7.38
N PHE C 120 -20.36 22.06 6.98
CA PHE C 120 -19.63 21.02 7.71
C PHE C 120 -18.33 21.52 8.36
N LYS C 121 -18.05 22.81 8.25
CA LYS C 121 -16.76 23.40 8.68
C LYS C 121 -16.49 23.31 10.18
N GLY C 122 -15.21 23.42 10.54
CA GLY C 122 -14.76 23.21 11.93
C GLY C 122 -15.08 21.79 12.36
N ASP C 123 -16.22 21.64 13.01
CA ASP C 123 -16.87 20.34 13.19
C ASP C 123 -18.36 20.63 13.46
N LYS C 124 -18.96 21.43 12.59
CA LYS C 124 -20.32 21.95 12.80
C LYS C 124 -21.43 20.95 12.49
N CYS C 125 -21.05 19.77 11.98
CA CYS C 125 -21.98 18.67 11.75
C CYS C 125 -21.52 17.47 12.58
N HIS C 126 -22.27 17.14 13.63
CA HIS C 126 -21.78 16.21 14.66
C HIS C 126 -21.66 14.75 14.23
N SER C 127 -22.60 14.27 13.42
CA SER C 127 -22.57 12.88 12.95
C SER C 127 -21.49 12.61 11.89
N LEU C 128 -20.69 13.62 11.53
CA LEU C 128 -19.52 13.42 10.67
C LEU C 128 -18.19 13.66 11.41
N VAL C 129 -18.23 13.91 12.71
CA VAL C 129 -17.01 14.18 13.45
C VAL C 129 -16.12 12.95 13.43
N GLY C 130 -14.88 13.13 12.97
CA GLY C 130 -13.93 12.03 12.80
C GLY C 130 -14.17 11.17 11.57
N LYS C 131 -14.97 11.67 10.63
CA LYS C 131 -15.23 10.95 9.39
C LYS C 131 -14.75 11.78 8.20
N PRO C 132 -14.30 11.11 7.12
CA PRO C 132 -13.78 11.84 5.97
C PRO C 132 -14.86 12.70 5.30
N LYS C 133 -14.51 13.96 5.02
CA LYS C 133 -15.39 14.88 4.32
C LYS C 133 -14.68 15.33 3.04
N ILE C 134 -15.16 14.85 1.91
CA ILE C 134 -14.47 15.01 0.63
C ILE C 134 -15.17 16.01 -0.29
N PHE C 135 -14.49 17.11 -0.62
CA PHE C 135 -15.06 18.11 -1.52
C PHE C 135 -14.28 18.19 -2.84
N ILE C 136 -14.97 17.91 -3.94
CA ILE C 136 -14.36 17.92 -5.26
C ILE C 136 -14.92 19.14 -5.99
N ILE C 137 -14.04 20.03 -6.43
CA ILE C 137 -14.47 21.32 -6.97
C ILE C 137 -13.90 21.57 -8.36
N GLN C 138 -14.79 21.92 -9.29
CA GLN C 138 -14.41 22.34 -10.63
C GLN C 138 -14.94 23.73 -10.89
N ALA C 139 -14.04 24.72 -10.98
CA ALA C 139 -14.47 26.11 -11.20
C ALA C 139 -13.38 27.01 -11.78
N CYS C 140 -13.80 28.24 -12.11
CA CYS C 140 -12.94 29.30 -12.62
C CYS C 140 -13.36 30.66 -12.07
N LEU D 7 -10.46 30.19 2.42
CA LEU D 7 -11.06 28.87 2.04
C LEU D 7 -11.17 27.97 3.26
N PRO D 8 -11.91 28.42 4.31
CA PRO D 8 -11.91 27.74 5.61
C PRO D 8 -12.45 26.32 5.54
N ALA D 9 -11.66 25.36 6.03
CA ALA D 9 -12.00 23.94 5.96
C ALA D 9 -12.22 23.38 7.38
N GLY D 10 -11.80 22.14 7.60
CA GLY D 10 -11.91 21.53 8.93
C GLY D 10 -11.21 20.20 9.05
N ALA D 11 -11.25 19.63 10.25
CA ALA D 11 -10.61 18.33 10.51
C ALA D 11 -11.23 17.25 9.64
N ASP D 12 -10.38 16.40 9.07
CA ASP D 12 -10.79 15.30 8.19
C ASP D 12 -11.41 15.77 6.88
N PHE D 13 -10.97 16.94 6.40
CA PHE D 13 -11.36 17.47 5.09
C PHE D 13 -10.35 17.02 4.04
N LEU D 14 -10.86 16.78 2.83
CA LEU D 14 -10.02 16.57 1.66
C LEU D 14 -10.58 17.39 0.52
N MET D 15 -9.86 18.45 0.13
CA MET D 15 -10.31 19.34 -0.92
C MET D 15 -9.61 18.97 -2.22
N CYS D 16 -10.37 18.49 -3.19
CA CYS D 16 -9.83 18.11 -4.49
C CYS D 16 -10.23 19.18 -5.51
N TYR D 17 -9.23 19.82 -6.11
CA TYR D 17 -9.47 20.89 -7.10
C TYR D 17 -9.14 20.41 -8.52
N SER D 18 -9.86 20.95 -9.50
CA SER D 18 -9.67 20.54 -10.90
C SER D 18 -8.48 21.24 -11.55
N VAL D 19 -8.16 22.45 -11.12
CA VAL D 19 -7.04 23.19 -11.66
C VAL D 19 -6.42 24.09 -10.59
N ALA D 20 -5.10 23.95 -10.39
CA ALA D 20 -4.37 24.85 -9.51
C ALA D 20 -4.34 26.26 -10.09
N GLU D 21 -4.14 27.26 -9.22
CA GLU D 21 -4.05 28.65 -9.66
C GLU D 21 -2.85 28.85 -10.58
N GLY D 22 -3.01 29.68 -11.61
CA GLY D 22 -1.97 29.93 -12.59
C GLY D 22 -1.90 28.88 -13.71
N TYR D 23 -2.99 28.14 -13.91
CA TYR D 23 -3.05 27.14 -14.99
C TYR D 23 -4.38 27.24 -15.73
N TYR D 24 -4.53 26.42 -16.78
CA TYR D 24 -5.68 26.53 -17.67
C TYR D 24 -6.55 25.27 -17.60
N SER D 25 -7.87 25.47 -17.68
CA SER D 25 -8.83 24.38 -17.69
C SER D 25 -9.38 24.16 -19.10
N HIS D 26 -9.20 22.95 -19.64
CA HIS D 26 -9.68 22.64 -20.98
C HIS D 26 -11.21 22.70 -21.02
N ARG D 27 -11.75 23.31 -22.07
CA ARG D 27 -13.19 23.52 -22.19
C ARG D 27 -13.94 22.19 -22.23
N GLU D 28 -15.21 22.24 -21.84
CA GLU D 28 -16.07 21.06 -21.83
C GLU D 28 -16.26 20.53 -23.26
N THR D 29 -16.23 19.21 -23.41
CA THR D 29 -16.53 18.55 -24.68
C THR D 29 -17.80 17.73 -24.52
N VAL D 30 -18.20 17.00 -25.56
CA VAL D 30 -19.32 16.08 -25.49
C VAL D 30 -19.06 14.94 -24.51
N ASN D 31 -17.79 14.57 -24.33
CA ASN D 31 -17.40 13.54 -23.34
C ASN D 31 -17.34 14.03 -21.90
N GLY D 32 -17.40 15.35 -21.69
CA GLY D 32 -17.32 15.93 -20.35
C GLY D 32 -16.12 16.84 -20.21
N SER D 33 -15.49 16.83 -19.03
CA SER D 33 -14.27 17.60 -18.77
C SER D 33 -13.11 16.66 -18.48
N TRP D 34 -11.90 17.14 -18.77
CA TRP D 34 -10.69 16.36 -18.55
C TRP D 34 -10.57 15.81 -17.12
N TYR D 35 -10.74 16.69 -16.13
CA TYR D 35 -10.56 16.33 -14.73
C TYR D 35 -11.56 15.27 -14.23
N ILE D 36 -12.83 15.42 -14.61
CA ILE D 36 -13.86 14.49 -14.16
C ILE D 36 -13.77 13.14 -14.90
N GLN D 37 -13.43 13.17 -16.18
CA GLN D 37 -13.24 11.94 -16.94
C GLN D 37 -12.16 11.09 -16.29
N ASP D 38 -10.99 11.71 -16.14
CA ASP D 38 -9.84 11.04 -15.52
C ASP D 38 -10.12 10.60 -14.09
N LEU D 39 -10.73 11.47 -13.29
CA LEU D 39 -11.14 11.10 -11.94
C LEU D 39 -11.99 9.85 -11.96
N CYS D 40 -13.00 9.85 -12.82
CA CYS D 40 -13.93 8.71 -12.94
C CYS D 40 -13.27 7.45 -13.48
N GLU D 41 -12.40 7.61 -14.47
CA GLU D 41 -11.64 6.48 -15.01
C GLU D 41 -10.88 5.78 -13.87
N MET D 42 -10.19 6.57 -13.05
CA MET D 42 -9.42 6.05 -11.92
C MET D 42 -10.30 5.50 -10.80
N LEU D 43 -11.51 6.04 -10.64
CA LEU D 43 -12.48 5.49 -9.68
C LEU D 43 -12.97 4.14 -10.16
N GLY D 44 -13.18 4.01 -11.47
CA GLY D 44 -13.61 2.76 -12.07
C GLY D 44 -12.60 1.64 -11.91
N LYS D 45 -11.34 1.95 -12.16
CA LYS D 45 -10.29 0.93 -12.14
C LYS D 45 -9.70 0.70 -10.74
N TYR D 46 -9.42 1.76 -9.99
CA TYR D 46 -8.69 1.65 -8.72
C TYR D 46 -9.46 2.13 -7.49
N GLY D 47 -10.71 2.54 -7.66
CA GLY D 47 -11.49 3.12 -6.56
C GLY D 47 -11.70 2.18 -5.39
N SER D 48 -11.90 0.90 -5.69
CA SER D 48 -12.18 -0.10 -4.65
C SER D 48 -10.95 -0.53 -3.86
N SER D 49 -9.75 -0.31 -4.42
CA SER D 49 -8.52 -0.83 -3.82
C SER D 49 -7.55 0.26 -3.34
N LEU D 50 -7.26 1.25 -4.18
CA LEU D 50 -6.27 2.29 -3.84
C LEU D 50 -6.67 3.17 -2.65
N GLU D 51 -5.67 3.61 -1.88
CA GLU D 51 -5.85 4.69 -0.91
C GLU D 51 -6.17 5.96 -1.70
N PHE D 52 -7.16 6.72 -1.27
CA PHE D 52 -7.78 7.72 -2.14
C PHE D 52 -6.87 8.89 -2.56
N THR D 53 -5.93 9.30 -1.70
CA THR D 53 -4.98 10.35 -2.08
C THR D 53 -3.98 9.85 -3.14
N GLU D 54 -3.62 8.57 -3.08
CA GLU D 54 -2.79 7.95 -4.12
C GLU D 54 -3.56 7.95 -5.44
N LEU D 55 -4.85 7.62 -5.39
CA LEU D 55 -5.71 7.73 -6.56
C LEU D 55 -5.72 9.18 -7.07
N LEU D 56 -5.93 10.14 -6.17
CA LEU D 56 -5.93 11.55 -6.55
C LEU D 56 -4.59 12.00 -7.16
N THR D 57 -3.49 11.42 -6.69
CA THR D 57 -2.18 11.71 -7.26
C THR D 57 -2.11 11.20 -8.69
N LEU D 58 -2.69 10.03 -8.98
CA LEU D 58 -2.79 9.56 -10.36
C LEU D 58 -3.54 10.57 -11.23
N VAL D 59 -4.63 11.11 -10.72
CA VAL D 59 -5.42 12.09 -11.46
C VAL D 59 -4.62 13.37 -11.72
N ASN D 60 -3.80 13.77 -10.76
CA ASN D 60 -2.86 14.88 -11.00
C ASN D 60 -1.91 14.55 -12.15
N ARG D 61 -1.50 13.29 -12.26
CA ARG D 61 -0.61 12.89 -13.35
C ARG D 61 -1.32 12.80 -14.70
N LYS D 62 -2.44 12.09 -14.75
CA LYS D 62 -3.17 11.89 -15.99
C LYS D 62 -3.59 13.22 -16.60
N VAL D 63 -4.25 14.07 -15.80
CA VAL D 63 -4.72 15.37 -16.27
C VAL D 63 -3.58 16.30 -16.68
N SER D 64 -2.51 16.34 -15.88
CA SER D 64 -1.39 17.23 -16.16
C SER D 64 -0.62 16.85 -17.42
N GLN D 65 -0.80 15.61 -17.86
CA GLN D 65 -0.16 15.10 -19.09
C GLN D 65 -1.05 15.21 -20.32
N ARG D 66 -2.31 15.60 -20.15
CA ARG D 66 -3.21 15.74 -21.28
C ARG D 66 -2.77 16.91 -22.16
N ARG D 67 -2.81 16.68 -23.47
CA ARG D 67 -2.41 17.69 -24.44
C ARG D 67 -3.50 17.81 -25.51
N VAL D 68 -3.63 19.01 -26.06
CA VAL D 68 -4.47 19.24 -27.24
C VAL D 68 -3.58 19.10 -28.47
N ASP D 69 -4.18 19.04 -29.65
CA ASP D 69 -3.43 18.99 -30.89
C ASP D 69 -2.95 20.40 -31.20
N PHE D 70 -1.75 20.74 -30.71
CA PHE D 70 -1.23 22.10 -30.76
C PHE D 70 -0.99 22.59 -32.19
N CYS D 71 -0.81 21.67 -33.13
CA CYS D 71 -0.66 22.03 -34.54
C CYS D 71 -1.95 22.58 -35.13
N LYS D 72 -3.09 22.00 -34.75
CA LYS D 72 -4.40 22.50 -35.17
C LYS D 72 -4.70 23.86 -34.54
N ASP D 73 -4.30 24.02 -33.27
CA ASP D 73 -4.53 25.26 -32.53
C ASP D 73 -3.24 25.71 -31.82
N PRO D 74 -2.36 26.44 -32.52
CA PRO D 74 -1.12 26.97 -31.96
C PRO D 74 -1.27 28.00 -30.82
N SER D 75 -2.47 28.56 -30.66
CA SER D 75 -2.74 29.50 -29.56
C SER D 75 -2.80 28.78 -28.20
N ALA D 76 -3.09 27.48 -28.21
CA ALA D 76 -3.11 26.68 -27.00
C ALA D 76 -1.72 26.31 -26.48
N ILE D 77 -0.67 26.56 -27.27
CA ILE D 77 0.70 26.20 -26.89
C ILE D 77 1.11 26.87 -25.57
N GLY D 78 1.70 26.08 -24.68
CA GLY D 78 2.08 26.53 -23.35
C GLY D 78 1.05 26.21 -22.27
N LYS D 79 -0.19 25.94 -22.68
CA LYS D 79 -1.27 25.69 -21.75
C LYS D 79 -1.31 24.23 -21.32
N LYS D 80 -1.45 24.01 -20.01
CA LYS D 80 -1.76 22.69 -19.49
C LYS D 80 -2.62 22.81 -18.24
N GLN D 81 -3.31 21.73 -17.91
CA GLN D 81 -4.18 21.68 -16.74
C GLN D 81 -3.52 20.85 -15.67
N VAL D 82 -3.19 21.49 -14.56
CA VAL D 82 -2.56 20.84 -13.42
C VAL D 82 -3.50 20.90 -12.21
N PRO D 83 -4.15 19.78 -11.86
CA PRO D 83 -5.03 19.82 -10.69
C PRO D 83 -4.26 19.84 -9.38
N CYS D 84 -5.01 19.84 -8.28
CA CYS D 84 -4.43 19.92 -6.94
C CYS D 84 -5.38 19.28 -5.94
N PHE D 85 -4.84 18.86 -4.80
CA PHE D 85 -5.69 18.50 -3.68
C PHE D 85 -5.04 18.89 -2.36
N ALA D 86 -5.88 19.14 -1.35
CA ALA D 86 -5.45 19.60 -0.04
C ALA D 86 -6.07 18.71 1.01
N SER D 87 -5.22 18.02 1.78
CA SER D 87 -5.66 17.02 2.74
C SER D 87 -5.49 17.51 4.18
N MET D 88 -6.55 17.37 4.96
CA MET D 88 -6.46 17.50 6.40
C MET D 88 -6.91 16.19 7.06
N LEU D 89 -6.82 15.12 6.27
CA LEU D 89 -7.09 13.78 6.75
C LEU D 89 -6.02 13.39 7.75
N THR D 90 -6.41 12.57 8.73
CA THR D 90 -5.49 12.13 9.76
C THR D 90 -5.16 10.63 9.62
N LYS D 91 -5.76 9.97 8.64
CA LYS D 91 -5.55 8.54 8.40
C LYS D 91 -5.62 8.23 6.92
N LYS D 92 -5.26 7.00 6.56
CA LYS D 92 -5.46 6.50 5.20
C LYS D 92 -6.96 6.30 4.95
N LEU D 93 -7.37 6.51 3.71
CA LEU D 93 -8.78 6.39 3.33
C LEU D 93 -8.94 5.37 2.22
N HIS D 94 -9.68 4.31 2.50
CA HIS D 94 -9.99 3.28 1.50
C HIS D 94 -11.50 3.12 1.34
N PHE D 95 -11.91 2.78 0.13
CA PHE D 95 -13.30 2.47 -0.16
C PHE D 95 -13.40 1.00 -0.56
N PHE D 96 -13.12 0.11 0.39
CA PHE D 96 -13.25 -1.32 0.15
C PHE D 96 -14.73 -1.67 0.01
N PRO D 97 -15.07 -2.62 -0.88
CA PRO D 97 -16.46 -3.03 -1.02
C PRO D 97 -17.10 -3.39 0.32
N LYS D 98 -18.34 -2.95 0.52
CA LYS D 98 -19.04 -3.21 1.79
C LYS D 98 -19.77 -4.55 1.75
N PHE E 8 -15.17 -6.93 9.60
CA PHE E 8 -14.21 -7.71 8.76
C PHE E 8 -13.36 -6.79 7.90
N ASP E 9 -12.08 -6.70 8.24
CA ASP E 9 -11.14 -5.80 7.58
C ASP E 9 -10.26 -6.58 6.59
N PRO E 10 -10.37 -6.26 5.29
CA PRO E 10 -9.53 -6.95 4.29
C PRO E 10 -8.07 -6.53 4.32
N ALA E 11 -7.74 -5.50 5.09
CA ALA E 11 -6.36 -5.08 5.29
C ALA E 11 -5.95 -5.19 6.75
N GLU E 12 -6.46 -6.21 7.44
CA GLU E 12 -6.14 -6.42 8.85
C GLU E 12 -4.71 -6.91 9.00
N LYS E 13 -4.00 -6.30 9.94
CA LYS E 13 -2.61 -6.64 10.22
C LYS E 13 -2.52 -7.37 11.54
N TYR E 14 -1.45 -8.14 11.72
CA TYR E 14 -1.12 -8.71 13.02
C TYR E 14 -0.85 -7.56 14.00
N LYS E 15 -1.23 -7.77 15.26
CA LYS E 15 -0.97 -6.78 16.31
C LYS E 15 0.49 -6.89 16.70
N MET E 16 1.29 -5.92 16.29
CA MET E 16 2.73 -5.92 16.56
C MET E 16 3.05 -4.81 17.55
N ASP E 17 2.26 -4.75 18.63
CA ASP E 17 2.33 -3.63 19.59
C ASP E 17 2.75 -4.11 20.99
N HIS E 18 3.46 -5.24 21.05
CA HIS E 18 3.95 -5.77 22.33
C HIS E 18 5.23 -5.02 22.76
N ARG E 19 5.75 -5.37 23.93
CA ARG E 19 6.95 -4.71 24.46
C ARG E 19 8.17 -4.98 23.59
N ARG E 20 8.39 -6.25 23.26
CA ARG E 20 9.52 -6.66 22.43
C ARG E 20 9.01 -7.19 21.10
N ARG E 21 9.89 -7.21 20.09
CA ARG E 21 9.57 -7.81 18.80
C ARG E 21 9.60 -9.33 18.92
N GLY E 22 10.63 -9.85 19.58
CA GLY E 22 10.78 -11.29 19.80
C GLY E 22 12.18 -11.80 19.49
N ILE E 23 12.35 -13.12 19.60
CA ILE E 23 13.63 -13.77 19.33
C ILE E 23 13.80 -14.09 17.85
N ALA E 24 15.01 -13.85 17.33
CA ALA E 24 15.40 -14.26 16.00
C ALA E 24 16.49 -15.32 16.15
N LEU E 25 16.10 -16.58 15.98
CA LEU E 25 17.00 -17.70 16.20
C LEU E 25 17.77 -18.03 14.92
N ILE E 26 19.09 -17.84 14.96
CA ILE E 26 19.95 -18.14 13.81
C ILE E 26 20.74 -19.42 14.04
N PHE E 27 20.26 -20.53 13.48
CA PHE E 27 20.87 -21.84 13.65
C PHE E 27 21.77 -22.19 12.46
N ASN E 28 22.97 -22.66 12.75
CA ASN E 28 23.89 -23.14 11.71
C ASN E 28 24.15 -24.65 11.84
N HIS E 29 23.84 -25.37 10.77
CA HIS E 29 24.10 -26.79 10.68
C HIS E 29 25.53 -26.99 10.21
N GLU E 30 26.40 -27.45 11.11
CA GLU E 30 27.82 -27.62 10.82
C GLU E 30 28.28 -29.09 10.90
N ARG E 31 27.81 -29.82 11.91
CA ARG E 31 28.28 -31.19 12.16
C ARG E 31 28.11 -32.11 10.95
N PHE E 32 29.00 -33.09 10.85
CA PHE E 32 29.03 -34.07 9.76
C PHE E 32 29.41 -33.51 8.39
N PHE E 33 29.90 -32.27 8.36
CA PHE E 33 30.42 -31.67 7.15
C PHE E 33 31.95 -31.74 7.17
N TRP E 34 32.52 -32.49 6.24
CA TRP E 34 33.97 -32.68 6.15
C TRP E 34 34.54 -31.87 4.99
N HIS E 35 35.75 -31.34 5.18
CA HIS E 35 36.44 -30.56 4.15
C HIS E 35 35.74 -29.22 3.91
N LEU E 36 35.53 -28.47 4.99
CA LEU E 36 34.91 -27.16 4.91
C LEU E 36 35.88 -26.16 4.29
N THR E 37 35.54 -25.65 3.11
CA THR E 37 36.42 -24.72 2.40
C THR E 37 36.43 -23.36 3.09
N LEU E 38 37.50 -22.59 2.88
CA LEU E 38 37.61 -21.25 3.46
C LEU E 38 36.47 -20.34 2.99
N PRO E 39 36.30 -20.20 1.66
CA PRO E 39 35.19 -19.39 1.12
C PRO E 39 33.82 -19.72 1.72
N GLU E 40 33.55 -21.01 1.93
CA GLU E 40 32.31 -21.44 2.58
C GLU E 40 32.25 -20.94 4.01
N ARG E 41 33.38 -20.98 4.71
CA ARG E 41 33.48 -20.47 6.07
C ARG E 41 33.23 -18.97 6.12
N ARG E 42 33.71 -18.25 5.11
CA ARG E 42 33.50 -16.80 5.00
C ARG E 42 32.06 -16.48 4.63
N GLY E 43 31.52 -17.19 3.64
CA GLY E 43 30.14 -17.03 3.21
C GLY E 43 29.12 -17.28 4.32
N THR E 44 29.33 -18.37 5.06
CA THR E 44 28.47 -18.69 6.19
C THR E 44 28.52 -17.58 7.25
N CYS E 45 29.72 -17.08 7.51
CA CYS E 45 29.88 -15.95 8.43
C CYS E 45 29.19 -14.69 7.91
N ALA E 46 29.32 -14.44 6.61
CA ALA E 46 28.67 -13.31 5.96
C ALA E 46 27.14 -13.38 6.08
N ASP E 47 26.58 -14.57 5.92
CA ASP E 47 25.13 -14.78 6.03
C ASP E 47 24.65 -14.56 7.47
N ARG E 48 25.32 -15.19 8.43
CA ARG E 48 24.99 -15.01 9.85
C ARG E 48 25.10 -13.54 10.27
N ASP E 49 26.20 -12.88 9.87
CA ASP E 49 26.42 -11.48 10.21
C ASP E 49 25.37 -10.59 9.59
N ASN E 50 25.09 -10.79 8.30
CA ASN E 50 24.11 -9.97 7.60
C ASN E 50 22.72 -10.17 8.18
N LEU E 51 22.35 -11.42 8.42
CA LEU E 51 21.07 -11.74 9.08
C LEU E 51 20.98 -11.15 10.49
N THR E 52 22.09 -11.16 11.21
CA THR E 52 22.11 -10.62 12.57
C THR E 52 21.93 -9.11 12.57
N ARG E 53 22.53 -8.43 11.59
CA ARG E 53 22.42 -6.98 11.49
C ARG E 53 21.01 -6.54 11.10
N ARG E 54 20.46 -7.17 10.07
CA ARG E 54 19.15 -6.78 9.53
C ARG E 54 18.00 -7.03 10.50
N PHE E 55 18.02 -8.17 11.19
CA PHE E 55 16.97 -8.48 12.16
C PHE E 55 17.08 -7.66 13.44
N SER E 56 18.32 -7.36 13.86
CA SER E 56 18.53 -6.48 15.02
C SER E 56 17.91 -5.10 14.79
N ASP E 57 18.11 -4.55 13.59
CA ASP E 57 17.54 -3.26 13.23
C ASP E 57 16.02 -3.29 13.11
N LEU E 58 15.44 -4.46 12.92
CA LEU E 58 13.98 -4.64 12.93
C LEU E 58 13.44 -4.92 14.34
N GLY E 59 14.31 -4.83 15.36
CA GLY E 59 13.89 -4.93 16.75
C GLY E 59 14.15 -6.28 17.41
N PHE E 60 14.60 -7.27 16.64
CA PHE E 60 14.76 -8.64 17.14
C PHE E 60 15.96 -8.82 18.08
N GLU E 61 15.75 -9.64 19.11
CA GLU E 61 16.84 -10.12 19.96
C GLU E 61 17.41 -11.37 19.30
N VAL E 62 18.50 -11.20 18.56
CA VAL E 62 19.07 -12.28 17.77
C VAL E 62 19.93 -13.22 18.63
N LYS E 63 19.70 -14.51 18.48
CA LYS E 63 20.47 -15.53 19.19
C LYS E 63 21.00 -16.57 18.22
N CYS E 64 22.32 -16.72 18.18
CA CYS E 64 23.00 -17.66 17.27
C CYS E 64 23.57 -18.86 18.01
N PHE E 65 23.54 -20.02 17.36
CA PHE E 65 24.23 -21.22 17.86
C PHE E 65 24.26 -22.32 16.80
N ASN E 66 25.20 -23.26 16.96
CA ASN E 66 25.37 -24.37 16.01
C ASN E 66 25.29 -25.73 16.71
N ASP E 67 25.53 -26.80 15.95
CA ASP E 67 25.35 -28.17 16.45
C ASP E 67 26.67 -28.94 16.61
N LEU E 68 27.80 -28.24 16.50
CA LEU E 68 29.12 -28.87 16.61
C LEU E 68 29.31 -29.61 17.92
N LYS E 69 28.95 -28.98 19.03
CA LYS E 69 29.11 -29.56 20.36
C LYS E 69 27.80 -30.20 20.83
N ALA E 70 27.86 -31.49 21.17
CA ALA E 70 26.66 -32.27 21.51
C ALA E 70 25.94 -31.76 22.76
N GLU E 71 26.69 -31.48 23.82
CA GLU E 71 26.10 -31.07 25.10
C GLU E 71 25.46 -29.68 25.03
N GLU E 72 26.25 -28.71 24.57
CA GLU E 72 25.79 -27.32 24.46
C GLU E 72 24.53 -27.18 23.59
N LEU E 73 24.37 -28.08 22.63
CA LEU E 73 23.17 -28.10 21.78
C LEU E 73 21.93 -28.39 22.60
N LEU E 74 21.98 -29.45 23.40
CA LEU E 74 20.85 -29.84 24.27
C LEU E 74 20.48 -28.73 25.25
N LEU E 75 21.50 -28.05 25.78
CA LEU E 75 21.28 -26.91 26.67
C LEU E 75 20.67 -25.72 25.93
N LYS E 76 21.09 -25.48 24.69
CA LYS E 76 20.60 -24.35 23.90
C LYS E 76 19.15 -24.55 23.45
N ILE E 77 18.82 -25.76 23.01
CA ILE E 77 17.44 -26.08 22.62
C ILE E 77 16.51 -25.99 23.85
N HIS E 78 16.98 -26.51 24.97
CA HIS E 78 16.25 -26.41 26.24
C HIS E 78 15.97 -24.94 26.58
N GLU E 79 17.00 -24.09 26.45
CA GLU E 79 16.86 -22.66 26.70
C GLU E 79 15.73 -22.04 25.88
N VAL E 80 15.67 -22.37 24.59
CA VAL E 80 14.68 -21.79 23.68
C VAL E 80 13.28 -22.41 23.86
N SER E 81 13.24 -23.65 24.34
CA SER E 81 11.95 -24.35 24.53
C SER E 81 11.15 -23.80 25.70
N THR E 82 11.82 -23.18 26.68
CA THR E 82 11.16 -22.67 27.88
C THR E 82 11.18 -21.14 27.99
N VAL E 83 11.19 -20.46 26.84
CA VAL E 83 11.06 -19.00 26.80
C VAL E 83 9.59 -18.63 26.59
N SER E 84 9.08 -17.74 27.43
CA SER E 84 7.74 -17.20 27.26
C SER E 84 7.80 -16.07 26.24
N HIS E 85 6.93 -16.15 25.23
CA HIS E 85 6.84 -15.12 24.20
C HIS E 85 5.61 -14.22 24.42
N ALA E 86 5.19 -14.08 25.68
CA ALA E 86 3.97 -13.34 26.00
C ALA E 86 4.05 -11.88 25.54
N ASP E 87 5.19 -11.24 25.77
CA ASP E 87 5.40 -9.85 25.40
C ASP E 87 6.19 -9.68 24.11
N ALA E 88 6.02 -10.61 23.18
CA ALA E 88 6.73 -10.57 21.89
C ALA E 88 5.74 -10.52 20.74
N ASP E 89 6.09 -9.80 19.67
CA ASP E 89 5.24 -9.71 18.47
C ASP E 89 5.21 -11.01 17.70
N CYS E 90 6.37 -11.66 17.56
CA CYS E 90 6.50 -12.83 16.69
C CYS E 90 7.74 -13.67 16.99
N PHE E 91 7.89 -14.77 16.26
CA PHE E 91 9.06 -15.63 16.39
C PHE E 91 9.69 -15.88 15.02
N VAL E 92 11.02 -15.80 14.96
CA VAL E 92 11.77 -16.03 13.73
C VAL E 92 12.87 -17.07 13.97
N CYS E 93 12.96 -18.06 13.08
CA CYS E 93 14.04 -19.06 13.14
C CYS E 93 14.65 -19.27 11.76
N VAL E 94 15.95 -19.00 11.65
CA VAL E 94 16.66 -19.22 10.40
C VAL E 94 17.56 -20.44 10.51
N PHE E 95 17.33 -21.44 9.65
CA PHE E 95 18.16 -22.62 9.55
C PHE E 95 19.13 -22.41 8.39
N LEU E 96 20.43 -22.41 8.70
CA LEU E 96 21.47 -22.24 7.68
C LEU E 96 22.29 -23.53 7.53
N SER E 97 22.41 -24.04 6.31
CA SER E 97 23.25 -25.20 6.04
C SER E 97 23.98 -25.09 4.70
N HIS E 98 25.18 -25.67 4.64
CA HIS E 98 26.08 -25.57 3.49
C HIS E 98 25.50 -26.19 2.22
N GLY E 99 25.88 -25.63 1.08
CA GLY E 99 25.36 -26.06 -0.22
C GLY E 99 25.62 -27.52 -0.57
N GLU E 100 26.87 -27.85 -0.85
CA GLU E 100 27.25 -29.21 -1.26
C GLU E 100 27.82 -30.00 -0.09
N GLY E 101 27.06 -30.98 0.39
CA GLY E 101 27.45 -31.81 1.53
C GLY E 101 27.00 -33.25 1.38
N ASN E 102 27.64 -34.15 2.14
CA ASN E 102 27.38 -35.59 2.01
C ASN E 102 25.98 -36.02 2.42
N HIS E 103 25.58 -37.22 1.98
CA HIS E 103 24.29 -37.81 2.32
C HIS E 103 23.95 -37.74 3.82
N ILE E 104 24.95 -37.92 4.68
CA ILE E 104 24.73 -37.84 6.13
C ILE E 104 24.35 -36.41 6.52
N TYR E 105 25.10 -35.44 5.99
CA TYR E 105 24.86 -34.03 6.26
C TYR E 105 23.44 -33.61 5.87
N ALA E 106 23.00 -34.02 4.69
CA ALA E 106 21.67 -33.68 4.17
C ALA E 106 20.55 -34.35 4.95
N TYR E 107 20.81 -35.55 5.47
CA TYR E 107 19.84 -36.27 6.27
C TYR E 107 19.66 -35.61 7.63
N ASP E 108 20.78 -35.29 8.28
CA ASP E 108 20.76 -34.64 9.58
C ASP E 108 20.02 -33.30 9.54
N ALA E 109 20.16 -32.58 8.42
CA ALA E 109 19.45 -31.32 8.21
C ALA E 109 17.95 -31.51 8.27
N LYS E 110 17.45 -32.52 7.55
CA LYS E 110 16.02 -32.81 7.50
C LYS E 110 15.45 -33.10 8.88
N ILE E 111 16.14 -33.95 9.64
CA ILE E 111 15.72 -34.31 11.00
C ILE E 111 15.76 -33.08 11.92
N GLU E 112 16.77 -32.24 11.74
CA GLU E 112 16.89 -31.01 12.53
C GLU E 112 15.77 -30.01 12.22
N ILE E 113 15.44 -29.84 10.94
CA ILE E 113 14.37 -28.93 10.53
C ILE E 113 12.99 -29.32 11.10
N GLN E 114 12.70 -30.62 11.08
CA GLN E 114 11.45 -31.13 11.64
C GLN E 114 11.40 -30.98 13.16
N THR E 115 12.55 -31.12 13.80
CA THR E 115 12.64 -30.90 15.25
C THR E 115 12.38 -29.45 15.60
N LEU E 116 13.02 -28.53 14.90
CA LEU E 116 12.87 -27.09 15.16
C LEU E 116 11.46 -26.59 14.86
N THR E 117 10.86 -27.08 13.78
CA THR E 117 9.48 -26.73 13.45
C THR E 117 8.46 -27.56 14.25
N GLY E 118 8.87 -28.73 14.72
CA GLY E 118 8.01 -29.59 15.54
C GLY E 118 7.65 -28.94 16.87
N LEU E 119 8.62 -28.21 17.43
CA LEU E 119 8.33 -27.29 18.53
C LEU E 119 7.45 -26.20 17.94
N PHE E 120 6.66 -25.52 18.76
CA PHE E 120 5.73 -24.48 18.29
C PHE E 120 4.52 -25.06 17.50
N LYS E 121 4.81 -25.86 16.46
CA LYS E 121 3.81 -26.50 15.57
C LYS E 121 2.53 -27.00 16.23
N GLY E 122 1.44 -26.99 15.44
CA GLY E 122 0.10 -27.30 15.96
C GLY E 122 -0.36 -26.10 16.75
N ASP E 123 0.08 -26.05 18.00
CA ASP E 123 0.10 -24.85 18.85
C ASP E 123 0.57 -25.25 20.26
N LYS E 124 1.77 -25.81 20.33
CA LYS E 124 2.35 -26.26 21.59
C LYS E 124 2.79 -25.07 22.40
N CYS E 125 3.63 -24.22 21.79
CA CYS E 125 4.05 -22.97 22.38
C CYS E 125 2.88 -21.99 22.45
N HIS E 126 2.18 -21.98 23.59
CA HIS E 126 0.92 -21.24 23.73
C HIS E 126 1.09 -19.72 23.72
N SER E 127 2.27 -19.26 24.12
CA SER E 127 2.55 -17.82 24.13
C SER E 127 2.73 -17.23 22.72
N LEU E 128 2.97 -18.10 21.73
CA LEU E 128 3.03 -17.67 20.32
C LEU E 128 1.75 -17.97 19.55
N VAL E 129 0.69 -18.42 20.23
CA VAL E 129 -0.59 -18.68 19.58
C VAL E 129 -1.20 -17.37 19.08
N GLY E 130 -1.55 -17.34 17.79
CA GLY E 130 -2.08 -16.14 17.14
C GLY E 130 -1.02 -15.19 16.63
N LYS E 131 0.26 -15.57 16.77
CA LYS E 131 1.38 -14.72 16.38
C LYS E 131 2.16 -15.33 15.22
N PRO E 132 2.71 -14.49 14.33
CA PRO E 132 3.49 -15.01 13.22
C PRO E 132 4.68 -15.85 13.69
N LYS E 133 4.87 -17.02 13.07
CA LYS E 133 6.02 -17.89 13.34
C LYS E 133 6.76 -18.14 12.02
N ILE E 134 7.93 -17.53 11.90
CA ILE E 134 8.61 -17.40 10.62
C ILE E 134 9.86 -18.28 10.56
N PHE E 135 9.86 -19.24 9.65
CA PHE E 135 11.01 -20.12 9.43
C PHE E 135 11.65 -19.88 8.08
N ILE E 136 12.89 -19.40 8.09
CA ILE E 136 13.68 -19.22 6.87
C ILE E 136 14.67 -20.37 6.78
N ILE E 137 14.54 -21.18 5.74
CA ILE E 137 15.25 -22.45 5.64
C ILE E 137 16.12 -22.51 4.39
N GLN E 138 17.43 -22.64 4.59
CA GLN E 138 18.38 -22.80 3.50
C GLN E 138 19.02 -24.18 3.57
N ALA E 139 18.32 -25.18 3.03
CA ALA E 139 18.88 -26.53 2.90
C ALA E 139 18.92 -26.93 1.43
N CYS E 140 19.63 -28.02 1.15
CA CYS E 140 19.71 -28.57 -0.21
C CYS E 140 19.72 -30.10 -0.16
N ALA F 9 3.92 -27.96 9.93
CA ALA F 9 2.96 -26.85 9.60
C ALA F 9 2.28 -26.36 10.86
N GLY F 10 1.71 -25.16 10.78
CA GLY F 10 0.95 -24.60 11.89
C GLY F 10 0.24 -23.31 11.51
N ALA F 11 -0.78 -22.96 12.30
CA ALA F 11 -1.52 -21.70 12.09
C ALA F 11 -0.59 -20.51 12.33
N ASP F 12 -0.63 -19.54 11.42
CA ASP F 12 0.22 -18.35 11.46
C ASP F 12 1.70 -18.69 11.31
N PHE F 13 1.98 -19.76 10.57
CA PHE F 13 3.35 -20.13 10.20
C PHE F 13 3.68 -19.49 8.87
N LEU F 14 4.96 -19.20 8.68
CA LEU F 14 5.44 -18.70 7.41
C LEU F 14 6.74 -19.44 7.10
N MET F 15 6.71 -20.25 6.05
CA MET F 15 7.86 -21.07 5.68
C MET F 15 8.53 -20.45 4.46
N CYS F 16 9.72 -19.88 4.66
CA CYS F 16 10.45 -19.26 3.57
C CYS F 16 11.58 -20.20 3.16
N TYR F 17 11.49 -20.73 1.94
CA TYR F 17 12.47 -21.69 1.42
C TYR F 17 13.40 -21.01 0.43
N SER F 18 14.69 -21.32 0.54
CA SER F 18 15.72 -20.72 -0.33
C SER F 18 15.62 -21.24 -1.76
N VAL F 19 15.29 -22.52 -1.89
CA VAL F 19 15.15 -23.15 -3.19
C VAL F 19 13.94 -24.09 -3.18
N ALA F 20 13.18 -24.06 -4.28
CA ALA F 20 12.01 -24.92 -4.42
C ALA F 20 12.41 -26.28 -5.01
N GLU F 21 11.45 -27.19 -5.11
CA GLU F 21 11.69 -28.50 -5.72
C GLU F 21 12.03 -28.39 -7.21
N GLY F 22 12.91 -29.28 -7.67
CA GLY F 22 13.29 -29.33 -9.08
C GLY F 22 14.13 -28.14 -9.55
N TYR F 23 14.72 -27.43 -8.59
CA TYR F 23 15.57 -26.28 -8.91
C TYR F 23 16.87 -26.33 -8.13
N TYR F 24 17.89 -25.68 -8.68
CA TYR F 24 19.25 -25.79 -8.18
C TYR F 24 19.63 -24.57 -7.33
N SER F 25 20.19 -24.82 -6.15
CA SER F 25 20.68 -23.77 -5.28
C SER F 25 22.14 -23.46 -5.63
N HIS F 26 22.47 -22.18 -5.68
CA HIS F 26 23.79 -21.72 -6.07
C HIS F 26 24.82 -22.03 -4.98
N ARG F 27 26.10 -22.06 -5.36
CA ARG F 27 27.17 -22.34 -4.41
C ARG F 27 27.39 -21.18 -3.45
N GLU F 28 27.91 -21.49 -2.26
CA GLU F 28 28.22 -20.49 -1.25
C GLU F 28 29.48 -19.73 -1.66
N THR F 29 29.35 -18.42 -1.90
CA THR F 29 30.49 -17.57 -2.25
C THR F 29 31.06 -16.94 -0.98
N VAL F 30 32.11 -16.13 -1.15
CA VAL F 30 32.78 -15.47 -0.02
C VAL F 30 31.91 -14.37 0.60
N ASN F 31 31.06 -13.75 -0.23
CA ASN F 31 30.16 -12.69 0.22
C ASN F 31 28.82 -13.22 0.74
N GLY F 32 28.73 -14.54 0.94
CA GLY F 32 27.49 -15.17 1.38
C GLY F 32 26.79 -15.90 0.25
N SER F 33 25.53 -16.25 0.46
CA SER F 33 24.72 -16.93 -0.56
C SER F 33 23.74 -15.94 -1.18
N TRP F 34 23.27 -16.26 -2.38
CA TRP F 34 22.36 -15.39 -3.11
C TRP F 34 21.10 -15.08 -2.32
N TYR F 35 20.47 -16.13 -1.80
CA TYR F 35 19.21 -16.02 -1.08
C TYR F 35 19.30 -15.05 0.10
N ILE F 36 20.28 -15.26 0.96
CA ILE F 36 20.42 -14.46 2.17
C ILE F 36 20.85 -13.02 1.84
N GLN F 37 21.80 -12.88 0.92
CA GLN F 37 22.23 -11.56 0.44
C GLN F 37 21.04 -10.72 0.03
N ASP F 38 20.20 -11.26 -0.84
CA ASP F 38 19.05 -10.54 -1.39
C ASP F 38 17.96 -10.33 -0.32
N LEU F 39 17.68 -11.38 0.44
CA LEU F 39 16.78 -11.27 1.58
C LEU F 39 17.23 -10.11 2.47
N CYS F 40 18.50 -10.14 2.88
CA CYS F 40 19.06 -9.11 3.75
C CYS F 40 19.09 -7.72 3.10
N GLU F 41 19.33 -7.67 1.80
CA GLU F 41 19.26 -6.40 1.09
C GLU F 41 17.86 -5.79 1.21
N MET F 42 16.84 -6.60 0.94
CA MET F 42 15.45 -6.14 0.96
C MET F 42 15.02 -5.74 2.38
N LEU F 43 15.44 -6.51 3.38
CA LEU F 43 15.17 -6.16 4.77
C LEU F 43 15.74 -4.79 5.10
N GLY F 44 16.97 -4.54 4.67
CA GLY F 44 17.66 -3.27 4.91
C GLY F 44 16.91 -2.06 4.38
N LYS F 45 16.42 -2.16 3.14
CA LYS F 45 15.67 -1.08 2.51
C LYS F 45 14.16 -1.12 2.83
N TYR F 46 13.53 -2.28 2.62
CA TYR F 46 12.07 -2.39 2.66
C TYR F 46 11.49 -3.04 3.93
N GLY F 47 12.36 -3.50 4.82
CA GLY F 47 11.92 -4.27 5.99
C GLY F 47 10.99 -3.53 6.94
N SER F 48 11.31 -2.28 7.23
CA SER F 48 10.53 -1.49 8.18
C SER F 48 9.15 -1.06 7.66
N SER F 49 8.97 -1.06 6.33
CA SER F 49 7.71 -0.60 5.72
C SER F 49 6.87 -1.71 5.08
N LEU F 50 7.46 -2.44 4.13
CA LEU F 50 6.69 -3.39 3.30
C LEU F 50 6.11 -4.56 4.10
N GLU F 51 5.02 -5.10 3.57
CA GLU F 51 4.41 -6.31 4.10
C GLU F 51 5.31 -7.49 3.74
N PHE F 52 5.58 -8.36 4.71
CA PHE F 52 6.69 -9.31 4.63
C PHE F 52 6.60 -10.34 3.49
N THR F 53 5.39 -10.73 3.11
CA THR F 53 5.21 -11.64 1.99
C THR F 53 5.42 -10.91 0.65
N GLU F 54 5.10 -9.62 0.61
CA GLU F 54 5.45 -8.78 -0.54
C GLU F 54 6.97 -8.69 -0.65
N LEU F 55 7.63 -8.53 0.48
CA LEU F 55 9.09 -8.50 0.54
C LEU F 55 9.70 -9.84 0.11
N LEU F 56 9.16 -10.95 0.61
CA LEU F 56 9.58 -12.28 0.16
C LEU F 56 9.38 -12.48 -1.34
N THR F 57 8.29 -11.92 -1.89
CA THR F 57 8.01 -12.02 -3.32
C THR F 57 9.06 -11.27 -4.13
N LEU F 58 9.60 -10.19 -3.59
CA LEU F 58 10.71 -9.48 -4.23
C LEU F 58 11.93 -10.38 -4.31
N VAL F 59 12.25 -11.04 -3.21
CA VAL F 59 13.40 -11.97 -3.16
C VAL F 59 13.24 -13.10 -4.19
N ASN F 60 12.02 -13.59 -4.37
CA ASN F 60 11.75 -14.58 -5.42
C ASN F 60 12.22 -14.09 -6.80
N ARG F 61 11.91 -12.83 -7.12
CA ARG F 61 12.33 -12.22 -8.39
C ARG F 61 13.84 -12.05 -8.45
N LYS F 62 14.39 -11.41 -7.42
CA LYS F 62 15.80 -11.06 -7.35
C LYS F 62 16.71 -12.27 -7.52
N VAL F 63 16.41 -13.37 -6.82
CA VAL F 63 17.22 -14.59 -6.92
C VAL F 63 16.97 -15.35 -8.23
N SER F 64 15.75 -15.29 -8.75
CA SER F 64 15.41 -15.99 -9.99
C SER F 64 16.03 -15.34 -11.23
N GLN F 65 16.32 -14.04 -11.13
CA GLN F 65 16.97 -13.29 -12.22
C GLN F 65 18.50 -13.36 -12.17
N ARG F 66 19.04 -13.91 -11.06
CA ARG F 66 20.49 -14.06 -10.94
C ARG F 66 21.03 -15.20 -11.82
N ARG F 67 22.24 -15.01 -12.34
CA ARG F 67 22.91 -16.02 -13.15
C ARG F 67 24.38 -16.13 -12.74
N VAL F 68 24.95 -17.32 -12.89
CA VAL F 68 26.35 -17.59 -12.57
C VAL F 68 27.31 -16.86 -13.52
N PRO F 74 30.62 -26.76 -16.39
CA PRO F 74 29.36 -26.16 -16.00
C PRO F 74 28.43 -25.96 -17.22
N SER F 75 28.34 -26.99 -18.07
CA SER F 75 27.57 -26.88 -19.31
C SER F 75 26.05 -26.97 -19.12
N ALA F 76 25.60 -27.16 -17.88
CA ALA F 76 24.20 -26.99 -17.52
C ALA F 76 23.91 -25.49 -17.38
N ILE F 77 23.35 -24.90 -18.44
CA ILE F 77 23.19 -23.44 -18.53
C ILE F 77 21.80 -22.95 -18.13
N GLY F 78 20.77 -23.43 -18.83
CA GLY F 78 19.38 -23.06 -18.51
C GLY F 78 19.02 -23.45 -17.09
N LYS F 79 19.30 -22.53 -16.16
CA LYS F 79 19.39 -22.88 -14.75
C LYS F 79 19.26 -21.63 -13.87
N LYS F 80 18.34 -21.67 -12.92
CA LYS F 80 18.22 -20.61 -11.93
C LYS F 80 17.74 -21.17 -10.59
N GLN F 81 18.07 -20.47 -9.51
CA GLN F 81 17.54 -20.79 -8.20
C GLN F 81 16.20 -20.07 -8.05
N VAL F 82 15.15 -20.84 -7.79
CA VAL F 82 13.81 -20.28 -7.60
C VAL F 82 13.34 -20.55 -6.17
N PRO F 83 13.40 -19.53 -5.30
CA PRO F 83 12.93 -19.74 -3.93
C PRO F 83 11.41 -19.87 -3.86
N CYS F 84 10.91 -20.08 -2.64
CA CYS F 84 9.50 -20.33 -2.42
C CYS F 84 9.14 -19.97 -0.99
N PHE F 85 7.95 -19.42 -0.79
CA PHE F 85 7.42 -19.28 0.57
C PHE F 85 6.00 -19.81 0.65
N ALA F 86 5.70 -20.42 1.80
CA ALA F 86 4.39 -20.99 2.07
C ALA F 86 3.80 -20.28 3.28
N SER F 87 2.64 -19.66 3.09
CA SER F 87 2.04 -18.85 4.14
C SER F 87 0.80 -19.49 4.71
N MET F 88 0.79 -19.63 6.02
CA MET F 88 -0.43 -19.94 6.74
C MET F 88 -0.75 -18.76 7.63
N LEU F 89 -0.34 -17.57 7.20
CA LEU F 89 -0.66 -16.34 7.91
C LEU F 89 -2.12 -15.99 7.67
N THR F 90 -2.74 -15.39 8.68
CA THR F 90 -4.14 -15.00 8.62
C THR F 90 -4.32 -13.49 8.41
N LYS F 91 -3.24 -12.71 8.55
CA LYS F 91 -3.30 -11.26 8.46
C LYS F 91 -2.08 -10.72 7.71
N LYS F 92 -2.06 -9.41 7.48
CA LYS F 92 -0.88 -8.75 6.89
C LYS F 92 0.23 -8.64 7.93
N LEU F 93 1.48 -8.86 7.50
CA LEU F 93 2.63 -8.82 8.40
C LEU F 93 3.54 -7.62 8.09
N HIS F 94 3.64 -6.70 9.05
CA HIS F 94 4.51 -5.54 8.91
C HIS F 94 5.45 -5.47 10.11
N PHE F 95 6.66 -4.95 9.89
CA PHE F 95 7.64 -4.76 10.94
C PHE F 95 7.91 -3.26 11.12
N PHE F 96 6.85 -2.49 11.36
CA PHE F 96 6.97 -1.05 11.59
C PHE F 96 7.84 -0.79 12.83
N PRO F 97 8.70 0.24 12.78
CA PRO F 97 9.62 0.52 13.88
C PRO F 97 8.90 0.62 15.23
N LYS F 98 9.40 -0.11 16.22
CA LYS F 98 8.80 -0.14 17.54
C LYS F 98 9.14 1.10 18.35
N SER F 99 8.25 1.44 19.29
CA SER F 99 8.42 2.62 20.13
C SER F 99 9.52 2.40 21.19
N PHE G 8 14.44 -0.60 -10.27
CA PHE G 8 13.86 -1.65 -9.38
C PHE G 8 12.63 -1.14 -8.67
N ASP G 9 11.62 -2.00 -8.51
CA ASP G 9 10.34 -1.60 -7.93
C ASP G 9 9.69 -2.73 -7.11
N PRO G 10 9.42 -2.46 -5.81
CA PRO G 10 8.71 -3.45 -4.98
C PRO G 10 7.21 -3.53 -5.28
N ALA G 11 6.68 -2.59 -6.05
CA ALA G 11 5.27 -2.61 -6.45
C ALA G 11 5.09 -3.10 -7.88
N GLU G 12 6.12 -3.73 -8.45
CA GLU G 12 6.01 -4.26 -9.80
C GLU G 12 4.95 -5.35 -9.85
N LYS G 13 4.05 -5.24 -10.81
CA LYS G 13 2.96 -6.19 -10.98
C LYS G 13 3.16 -6.98 -12.26
N TYR G 14 2.60 -8.19 -12.30
CA TYR G 14 2.59 -8.99 -13.53
C TYR G 14 1.84 -8.20 -14.61
N LYS G 15 2.24 -8.37 -15.86
CA LYS G 15 1.55 -7.72 -16.98
C LYS G 15 0.20 -8.39 -17.21
N MET G 16 -0.89 -7.63 -17.08
CA MET G 16 -2.25 -8.15 -17.20
C MET G 16 -3.07 -7.35 -18.21
N ASP G 17 -2.42 -6.90 -19.28
CA ASP G 17 -3.08 -6.10 -20.32
C ASP G 17 -3.09 -6.84 -21.67
N HIS G 18 -3.13 -8.16 -21.62
CA HIS G 18 -3.22 -8.98 -22.82
C HIS G 18 -4.68 -8.97 -23.29
N ARG G 19 -4.92 -9.57 -24.46
CA ARG G 19 -6.27 -9.63 -25.01
C ARG G 19 -7.20 -10.40 -24.08
N ARG G 20 -6.86 -11.65 -23.79
CA ARG G 20 -7.67 -12.50 -22.91
C ARG G 20 -7.11 -12.54 -21.49
N ARG G 21 -7.94 -12.96 -20.55
CA ARG G 21 -7.50 -13.21 -19.17
C ARG G 21 -6.81 -14.57 -19.09
N GLY G 22 -7.32 -15.55 -19.84
CA GLY G 22 -6.74 -16.89 -19.92
C GLY G 22 -7.74 -17.95 -19.54
N ILE G 23 -7.33 -19.20 -19.69
CA ILE G 23 -8.19 -20.34 -19.37
C ILE G 23 -8.25 -20.57 -17.87
N ALA G 24 -9.42 -20.97 -17.38
CA ALA G 24 -9.59 -21.38 -15.99
C ALA G 24 -10.12 -22.81 -15.96
N LEU G 25 -9.21 -23.77 -15.85
CA LEU G 25 -9.55 -25.18 -15.87
C LEU G 25 -10.14 -25.64 -14.53
N ILE G 26 -11.32 -26.26 -14.56
CA ILE G 26 -11.90 -26.82 -13.34
C ILE G 26 -12.08 -28.34 -13.47
N PHE G 27 -11.22 -29.08 -12.76
CA PHE G 27 -11.17 -30.53 -12.85
C PHE G 27 -11.87 -31.18 -11.64
N ASN G 28 -12.84 -32.05 -11.92
CA ASN G 28 -13.45 -32.89 -10.88
C ASN G 28 -12.88 -34.30 -10.91
N HIS G 29 -12.28 -34.72 -9.81
CA HIS G 29 -11.82 -36.09 -9.64
C HIS G 29 -13.00 -36.93 -9.14
N GLU G 30 -13.49 -37.83 -9.98
CA GLU G 30 -14.68 -38.63 -9.66
C GLU G 30 -14.45 -40.15 -9.72
N ARG G 31 -13.72 -40.62 -10.74
CA ARG G 31 -13.54 -42.06 -10.94
C ARG G 31 -12.98 -42.76 -9.69
N PHE G 32 -13.37 -44.03 -9.52
CA PHE G 32 -13.01 -44.85 -8.35
C PHE G 32 -13.57 -44.34 -7.03
N PHE G 33 -14.68 -43.61 -7.09
CA PHE G 33 -15.45 -43.24 -5.90
C PHE G 33 -16.82 -43.91 -6.06
N TRP G 34 -17.15 -44.79 -5.13
CA TRP G 34 -18.24 -45.76 -5.34
C TRP G 34 -19.54 -45.49 -4.58
N HIS G 35 -19.47 -44.72 -3.50
CA HIS G 35 -20.66 -44.39 -2.70
C HIS G 35 -20.77 -42.87 -2.53
N LEU G 36 -21.46 -42.23 -3.47
CA LEU G 36 -21.57 -40.77 -3.50
C LEU G 36 -22.89 -40.30 -2.89
N THR G 37 -22.81 -39.73 -1.71
CA THR G 37 -24.00 -39.28 -0.96
C THR G 37 -24.58 -37.98 -1.52
N LEU G 38 -25.76 -37.61 -1.03
CA LEU G 38 -26.49 -36.42 -1.50
C LEU G 38 -25.76 -35.11 -1.21
N PRO G 39 -25.25 -34.92 0.03
CA PRO G 39 -24.47 -33.71 0.30
C PRO G 39 -23.18 -33.65 -0.52
N GLU G 40 -22.50 -34.79 -0.63
CA GLU G 40 -21.30 -34.91 -1.45
C GLU G 40 -21.56 -34.60 -2.92
N ARG G 41 -22.69 -35.08 -3.45
CA ARG G 41 -23.06 -34.82 -4.84
C ARG G 41 -23.35 -33.34 -5.07
N ARG G 42 -24.26 -32.79 -4.28
CA ARG G 42 -24.68 -31.39 -4.43
C ARG G 42 -23.57 -30.40 -4.07
N GLY G 43 -22.82 -30.73 -3.02
CA GLY G 43 -21.68 -29.90 -2.60
C GLY G 43 -20.66 -29.70 -3.70
N THR G 44 -20.32 -30.78 -4.39
CA THR G 44 -19.39 -30.73 -5.52
C THR G 44 -19.94 -29.86 -6.64
N CYS G 45 -21.25 -29.98 -6.91
CA CYS G 45 -21.92 -29.13 -7.89
C CYS G 45 -21.91 -27.67 -7.44
N ALA G 46 -22.23 -27.44 -6.17
CA ALA G 46 -22.21 -26.09 -5.60
C ALA G 46 -20.83 -25.46 -5.72
N ASP G 47 -19.78 -26.23 -5.42
CA ASP G 47 -18.41 -25.74 -5.54
C ASP G 47 -18.05 -25.42 -6.98
N ARG G 48 -18.44 -26.30 -7.92
CA ARG G 48 -18.13 -26.10 -9.33
C ARG G 48 -18.83 -24.85 -9.88
N ASP G 49 -20.12 -24.72 -9.57
CA ASP G 49 -20.91 -23.57 -10.01
C ASP G 49 -20.34 -22.27 -9.43
N ASN G 50 -20.06 -22.30 -8.13
CA ASN G 50 -19.58 -21.11 -7.43
C ASN G 50 -18.25 -20.64 -8.00
N LEU G 51 -17.34 -21.60 -8.21
CA LEU G 51 -16.05 -21.31 -8.83
C LEU G 51 -16.20 -20.79 -10.26
N THR G 52 -17.08 -21.44 -11.03
CA THR G 52 -17.35 -21.03 -12.41
C THR G 52 -17.82 -19.58 -12.48
N ARG G 53 -18.73 -19.20 -11.60
CA ARG G 53 -19.28 -17.85 -11.59
C ARG G 53 -18.21 -16.80 -11.27
N ARG G 54 -17.43 -17.05 -10.21
CA ARG G 54 -16.45 -16.08 -9.73
C ARG G 54 -15.31 -15.84 -10.73
N PHE G 55 -14.83 -16.91 -11.34
CA PHE G 55 -13.72 -16.80 -12.31
C PHE G 55 -14.16 -16.22 -13.65
N SER G 56 -15.40 -16.50 -14.05
CA SER G 56 -15.92 -15.94 -15.31
C SER G 56 -16.14 -14.44 -15.22
N ASP G 57 -16.62 -13.97 -14.07
CA ASP G 57 -16.77 -12.52 -13.83
C ASP G 57 -15.41 -11.81 -13.78
N LEU G 58 -14.35 -12.57 -13.47
CA LEU G 58 -12.98 -12.05 -13.51
C LEU G 58 -12.36 -12.10 -14.91
N GLY G 59 -13.15 -12.52 -15.90
CA GLY G 59 -12.72 -12.51 -17.30
C GLY G 59 -12.13 -13.82 -17.80
N PHE G 60 -12.01 -14.82 -16.93
CA PHE G 60 -11.48 -16.12 -17.34
C PHE G 60 -12.45 -16.87 -18.22
N GLU G 61 -11.91 -17.78 -19.03
CA GLU G 61 -12.70 -18.70 -19.84
C GLU G 61 -12.75 -20.06 -19.14
N VAL G 62 -13.88 -20.34 -18.48
CA VAL G 62 -14.02 -21.52 -17.62
C VAL G 62 -14.31 -22.79 -18.43
N LYS G 63 -13.41 -23.77 -18.34
CA LYS G 63 -13.59 -25.09 -18.97
C LYS G 63 -13.65 -26.17 -17.90
N CYS G 64 -14.78 -26.87 -17.81
CA CYS G 64 -15.00 -27.89 -16.79
C CYS G 64 -15.00 -29.30 -17.36
N PHE G 65 -14.45 -30.24 -16.61
CA PHE G 65 -14.52 -31.66 -16.98
C PHE G 65 -14.11 -32.60 -15.84
N ASN G 66 -14.43 -33.87 -15.99
CA ASN G 66 -14.10 -34.89 -15.00
C ASN G 66 -13.38 -36.08 -15.64
N ASP G 67 -13.03 -37.07 -14.82
CA ASP G 67 -12.24 -38.22 -15.26
C ASP G 67 -13.05 -39.52 -15.38
N LEU G 68 -14.38 -39.42 -15.36
CA LEU G 68 -15.25 -40.61 -15.42
C LEU G 68 -15.09 -41.37 -16.73
N LYS G 69 -15.37 -40.69 -17.84
CA LYS G 69 -15.19 -41.27 -19.17
C LYS G 69 -13.74 -41.07 -19.59
N ALA G 70 -12.97 -42.16 -19.57
CA ALA G 70 -11.53 -42.10 -19.85
C ALA G 70 -11.23 -41.76 -21.31
N GLU G 71 -12.18 -42.06 -22.20
CA GLU G 71 -12.02 -41.79 -23.63
C GLU G 71 -12.01 -40.28 -23.93
N GLU G 72 -12.96 -39.55 -23.35
CA GLU G 72 -13.05 -38.10 -23.55
C GLU G 72 -12.19 -37.29 -22.57
N LEU G 73 -11.41 -37.98 -21.73
CA LEU G 73 -10.45 -37.34 -20.83
C LEU G 73 -9.14 -37.08 -21.57
N LEU G 74 -8.58 -38.15 -22.15
CA LEU G 74 -7.32 -38.09 -22.88
C LEU G 74 -7.31 -36.99 -23.94
N LEU G 75 -8.45 -36.82 -24.61
CA LEU G 75 -8.63 -35.75 -25.59
C LEU G 75 -8.57 -34.36 -24.94
N LYS G 76 -9.15 -34.25 -23.74
CA LYS G 76 -9.19 -32.99 -23.00
C LYS G 76 -7.80 -32.55 -22.52
N ILE G 77 -7.02 -33.49 -22.01
CA ILE G 77 -5.64 -33.21 -21.60
C ILE G 77 -4.84 -32.65 -22.78
N HIS G 78 -4.97 -33.31 -23.94
CA HIS G 78 -4.34 -32.84 -25.18
C HIS G 78 -4.94 -31.51 -25.63
N GLU G 79 -6.25 -31.35 -25.46
CA GLU G 79 -6.93 -30.12 -25.80
C GLU G 79 -6.31 -28.91 -25.13
N VAL G 80 -5.99 -29.04 -23.84
CA VAL G 80 -5.41 -27.93 -23.07
C VAL G 80 -3.89 -27.85 -23.18
N SER G 81 -3.23 -28.99 -23.39
CA SER G 81 -1.76 -29.04 -23.50
C SER G 81 -1.22 -28.35 -24.76
N THR G 82 -2.03 -28.30 -25.80
CA THR G 82 -1.62 -27.73 -27.09
C THR G 82 -2.02 -26.26 -27.27
N VAL G 83 -2.58 -25.65 -26.22
CA VAL G 83 -3.14 -24.30 -26.32
C VAL G 83 -2.06 -23.22 -26.25
N SER G 84 -2.25 -22.15 -27.00
CA SER G 84 -1.38 -20.97 -26.91
C SER G 84 -1.94 -19.99 -25.89
N HIS G 85 -1.12 -19.66 -24.88
CA HIS G 85 -1.49 -18.68 -23.87
C HIS G 85 -0.78 -17.35 -24.11
N ALA G 86 -0.29 -17.15 -25.34
CA ALA G 86 0.44 -15.94 -25.72
C ALA G 86 -0.41 -14.69 -25.58
N ASP G 87 -1.69 -14.79 -25.94
CA ASP G 87 -2.64 -13.68 -25.80
C ASP G 87 -3.35 -13.68 -24.43
N ALA G 88 -2.80 -14.43 -23.46
CA ALA G 88 -3.42 -14.61 -22.15
C ALA G 88 -2.58 -13.98 -21.04
N ASP G 89 -3.27 -13.46 -20.01
CA ASP G 89 -2.61 -12.87 -18.84
C ASP G 89 -1.97 -13.95 -17.98
N CYS G 90 -2.76 -14.94 -17.60
CA CYS G 90 -2.33 -15.98 -16.68
C CYS G 90 -3.10 -17.27 -16.93
N PHE G 91 -2.87 -18.26 -16.08
CA PHE G 91 -3.53 -19.57 -16.21
C PHE G 91 -3.94 -20.09 -14.83
N VAL G 92 -5.19 -20.54 -14.72
CA VAL G 92 -5.72 -21.08 -13.47
C VAL G 92 -6.18 -22.53 -13.64
N CYS G 93 -5.88 -23.37 -12.67
CA CYS G 93 -6.34 -24.75 -12.67
C CYS G 93 -6.80 -25.14 -11.27
N VAL G 94 -8.06 -25.56 -11.16
CA VAL G 94 -8.62 -26.00 -9.90
C VAL G 94 -8.83 -27.51 -9.91
N PHE G 95 -8.24 -28.19 -8.93
CA PHE G 95 -8.43 -29.62 -8.75
C PHE G 95 -9.37 -29.82 -7.58
N LEU G 96 -10.46 -30.54 -7.83
CA LEU G 96 -11.46 -30.84 -6.80
C LEU G 96 -11.64 -32.34 -6.66
N SER G 97 -11.48 -32.86 -5.45
CA SER G 97 -11.76 -34.26 -5.15
C SER G 97 -12.55 -34.37 -3.85
N HIS G 98 -13.10 -35.54 -3.60
CA HIS G 98 -13.90 -35.77 -2.38
C HIS G 98 -13.00 -36.11 -1.20
N GLY G 99 -13.57 -36.02 0.00
CA GLY G 99 -12.88 -36.40 1.23
C GLY G 99 -13.27 -37.80 1.68
N GLU G 100 -12.51 -38.32 2.65
CA GLU G 100 -12.66 -39.70 3.11
C GLU G 100 -12.99 -40.67 1.97
N GLY G 101 -12.23 -40.56 0.89
CA GLY G 101 -12.33 -41.49 -0.24
C GLY G 101 -11.54 -42.75 0.07
N ASN G 102 -11.71 -43.78 -0.75
CA ASN G 102 -11.00 -45.03 -0.58
C ASN G 102 -9.51 -44.92 -0.92
N HIS G 103 -8.82 -46.05 -0.89
CA HIS G 103 -7.35 -46.09 -1.00
C HIS G 103 -6.92 -45.71 -2.41
N ILE G 104 -7.56 -46.34 -3.39
CA ILE G 104 -7.24 -46.15 -4.81
C ILE G 104 -7.66 -44.76 -5.32
N TYR G 105 -8.71 -44.21 -4.71
CA TYR G 105 -9.17 -42.87 -5.05
C TYR G 105 -8.12 -41.81 -4.67
N ALA G 106 -7.59 -41.92 -3.46
CA ALA G 106 -6.57 -40.98 -2.97
C ALA G 106 -5.29 -41.04 -3.81
N TYR G 107 -4.90 -42.24 -4.22
CA TYR G 107 -3.69 -42.45 -5.00
C TYR G 107 -3.82 -41.80 -6.38
N ASP G 108 -4.95 -42.05 -7.03
CA ASP G 108 -5.24 -41.48 -8.35
C ASP G 108 -5.25 -39.95 -8.32
N ALA G 109 -5.68 -39.39 -7.21
CA ALA G 109 -5.65 -37.94 -7.01
C ALA G 109 -4.22 -37.41 -7.12
N LYS G 110 -3.28 -38.03 -6.41
CA LYS G 110 -1.89 -37.57 -6.38
C LYS G 110 -1.27 -37.61 -7.78
N ILE G 111 -1.50 -38.71 -8.49
CA ILE G 111 -0.97 -38.89 -9.85
C ILE G 111 -1.58 -37.89 -10.82
N GLU G 112 -2.87 -37.64 -10.69
CA GLU G 112 -3.54 -36.63 -11.50
C GLU G 112 -3.01 -35.20 -11.24
N ILE G 113 -2.70 -34.91 -9.98
CA ILE G 113 -2.19 -33.60 -9.58
C ILE G 113 -0.76 -33.38 -10.09
N GLN G 114 0.07 -34.41 -9.97
CA GLN G 114 1.44 -34.35 -10.48
C GLN G 114 1.47 -34.25 -12.01
N THR G 115 0.50 -34.88 -12.66
CA THR G 115 0.39 -34.84 -14.11
C THR G 115 -0.15 -33.49 -14.60
N LEU G 116 -1.21 -33.00 -13.96
CA LEU G 116 -1.77 -31.68 -14.26
C LEU G 116 -0.73 -30.57 -14.09
N THR G 117 -0.03 -30.58 -12.96
CA THR G 117 0.98 -29.58 -12.66
C THR G 117 2.24 -29.73 -13.54
N GLY G 118 2.63 -30.98 -13.79
CA GLY G 118 3.78 -31.29 -14.65
C GLY G 118 3.64 -30.76 -16.07
N LEU G 119 2.42 -30.71 -16.57
CA LEU G 119 2.14 -30.15 -17.90
C LEU G 119 2.61 -28.70 -18.06
N PHE G 120 2.88 -28.02 -16.95
CA PHE G 120 3.46 -26.67 -16.98
C PHE G 120 4.70 -26.52 -16.07
N LYS G 121 4.93 -27.49 -15.18
CA LYS G 121 5.93 -27.37 -14.11
C LYS G 121 7.38 -27.42 -14.58
N GLY G 122 7.64 -28.11 -15.69
CA GLY G 122 8.98 -28.14 -16.28
C GLY G 122 9.32 -26.87 -17.03
N ASP G 123 8.36 -25.94 -17.11
CA ASP G 123 8.46 -24.73 -17.92
C ASP G 123 8.44 -25.09 -19.41
N LYS G 124 7.84 -26.24 -19.71
CA LYS G 124 7.72 -26.75 -21.09
C LYS G 124 6.35 -26.38 -21.69
N CYS G 125 5.72 -25.35 -21.15
CA CYS G 125 4.65 -24.62 -21.81
C CYS G 125 5.18 -23.22 -22.02
N HIS G 126 5.84 -23.00 -23.16
CA HIS G 126 6.63 -21.79 -23.40
C HIS G 126 5.79 -20.51 -23.40
N SER G 127 4.56 -20.62 -23.88
CA SER G 127 3.67 -19.45 -23.98
C SER G 127 3.19 -18.91 -22.63
N LEU G 128 3.36 -19.70 -21.56
CA LEU G 128 3.03 -19.25 -20.21
C LEU G 128 4.26 -18.81 -19.40
N VAL G 129 5.42 -18.74 -20.04
CA VAL G 129 6.66 -18.37 -19.35
C VAL G 129 6.63 -16.89 -18.93
N GLY G 130 6.92 -16.64 -17.66
CA GLY G 130 6.85 -15.29 -17.09
C GLY G 130 5.46 -14.90 -16.65
N LYS G 131 4.49 -15.79 -16.83
CA LYS G 131 3.10 -15.51 -16.50
C LYS G 131 2.65 -16.36 -15.32
N PRO G 132 1.76 -15.81 -14.46
CA PRO G 132 1.38 -16.57 -13.26
C PRO G 132 0.59 -17.82 -13.60
N LYS G 133 0.93 -18.93 -12.96
CA LYS G 133 0.23 -20.19 -13.12
C LYS G 133 -0.34 -20.58 -11.77
N ILE G 134 -1.67 -20.50 -11.64
CA ILE G 134 -2.34 -20.64 -10.34
C ILE G 134 -3.01 -22.00 -10.20
N PHE G 135 -2.68 -22.73 -9.14
CA PHE G 135 -3.25 -24.05 -8.91
C PHE G 135 -3.95 -24.09 -7.55
N ILE G 136 -5.26 -24.29 -7.58
CA ILE G 136 -6.06 -24.37 -6.36
C ILE G 136 -6.43 -25.83 -6.15
N ILE G 137 -6.04 -26.40 -5.02
CA ILE G 137 -6.10 -27.84 -4.82
C ILE G 137 -6.91 -28.23 -3.58
N GLN G 138 -7.96 -29.03 -3.80
CA GLN G 138 -8.80 -29.58 -2.74
C GLN G 138 -8.71 -31.12 -2.71
N ALA G 139 -7.99 -31.66 -1.74
CA ALA G 139 -7.80 -33.11 -1.64
C ALA G 139 -7.42 -33.57 -0.23
N CYS G 140 -7.51 -34.89 0.00
CA CYS G 140 -7.20 -35.51 1.28
C CYS G 140 -6.75 -36.96 1.11
N ALA H 9 6.42 -28.01 -8.73
CA ALA H 9 6.89 -26.62 -8.47
C ALA H 9 7.38 -25.98 -9.76
N GLY H 10 7.26 -24.67 -9.86
CA GLY H 10 7.77 -23.94 -11.02
C GLY H 10 7.80 -22.44 -10.80
N ALA H 11 8.61 -21.74 -11.60
CA ALA H 11 8.69 -20.29 -11.56
C ALA H 11 7.33 -19.69 -11.87
N ASP H 12 6.90 -18.73 -11.05
CA ASP H 12 5.59 -18.09 -11.21
C ASP H 12 4.42 -19.04 -10.91
N PHE H 13 4.69 -20.14 -10.22
CA PHE H 13 3.63 -20.99 -9.71
C PHE H 13 3.08 -20.38 -8.44
N LEU H 14 1.78 -20.53 -8.24
CA LEU H 14 1.14 -20.21 -6.97
C LEU H 14 0.25 -21.39 -6.60
N MET H 15 0.70 -22.17 -5.62
CA MET H 15 -0.02 -23.35 -5.16
C MET H 15 -0.89 -22.95 -3.98
N CYS H 16 -2.20 -23.19 -4.12
CA CYS H 16 -3.17 -22.85 -3.09
C CYS H 16 -3.84 -24.14 -2.59
N TYR H 17 -3.49 -24.56 -1.37
CA TYR H 17 -4.01 -25.80 -0.79
C TYR H 17 -5.19 -25.55 0.13
N SER H 18 -6.22 -26.41 0.02
CA SER H 18 -7.41 -26.33 0.86
C SER H 18 -7.12 -26.62 2.33
N VAL H 19 -6.13 -27.47 2.58
CA VAL H 19 -5.77 -27.86 3.94
C VAL H 19 -4.26 -28.08 4.08
N ALA H 20 -3.69 -27.58 5.17
CA ALA H 20 -2.28 -27.75 5.46
C ALA H 20 -2.09 -29.07 6.20
N GLU H 21 -0.93 -29.70 6.02
CA GLU H 21 -0.65 -30.99 6.66
C GLU H 21 -0.68 -30.86 8.18
N GLY H 22 -1.38 -31.79 8.83
CA GLY H 22 -1.52 -31.79 10.29
C GLY H 22 -2.85 -31.20 10.76
N TYR H 23 -3.72 -30.89 9.81
CA TYR H 23 -5.01 -30.28 10.13
C TYR H 23 -6.14 -30.98 9.41
N TYR H 24 -7.36 -30.67 9.82
CA TYR H 24 -8.54 -31.41 9.39
C TYR H 24 -9.30 -30.67 8.30
N SER H 25 -9.84 -31.42 7.34
CA SER H 25 -10.66 -30.85 6.28
C SER H 25 -12.13 -31.14 6.56
N HIS H 26 -12.95 -30.10 6.52
CA HIS H 26 -14.35 -30.19 6.90
C HIS H 26 -15.15 -30.96 5.84
N ARG H 27 -16.13 -31.73 6.29
CA ARG H 27 -16.98 -32.52 5.40
C ARG H 27 -17.73 -31.63 4.40
N GLU H 28 -17.94 -32.16 3.21
CA GLU H 28 -18.69 -31.48 2.16
C GLU H 28 -20.16 -31.42 2.54
N THR H 29 -20.78 -30.25 2.37
CA THR H 29 -22.21 -30.06 2.63
C THR H 29 -22.91 -29.72 1.32
N VAL H 30 -24.24 -29.66 1.34
CA VAL H 30 -25.03 -29.35 0.15
C VAL H 30 -24.71 -27.96 -0.42
N ASN H 31 -24.25 -27.05 0.45
CA ASN H 31 -23.81 -25.72 0.03
C ASN H 31 -22.43 -25.71 -0.63
N GLY H 32 -21.63 -26.74 -0.36
CA GLY H 32 -20.25 -26.82 -0.84
C GLY H 32 -19.30 -27.13 0.29
N SER H 33 -18.07 -26.64 0.18
CA SER H 33 -17.05 -26.82 1.22
C SER H 33 -16.61 -25.47 1.78
N TRP H 34 -16.15 -25.47 3.03
CA TRP H 34 -15.72 -24.23 3.69
C TRP H 34 -14.69 -23.47 2.86
N TYR H 35 -13.70 -24.20 2.34
CA TYR H 35 -12.61 -23.59 1.58
C TYR H 35 -13.10 -22.87 0.33
N ILE H 36 -13.84 -23.58 -0.51
CA ILE H 36 -14.31 -23.02 -1.78
C ILE H 36 -15.38 -21.95 -1.54
N GLN H 37 -16.21 -22.17 -0.52
CA GLN H 37 -17.19 -21.15 -0.10
C GLN H 37 -16.49 -19.83 0.22
N ASP H 38 -15.51 -19.89 1.13
CA ASP H 38 -14.79 -18.69 1.56
C ASP H 38 -13.89 -18.11 0.46
N LEU H 39 -13.27 -18.99 -0.33
CA LEU H 39 -12.46 -18.54 -1.47
C LEU H 39 -13.33 -17.77 -2.47
N CYS H 40 -14.50 -18.34 -2.81
CA CYS H 40 -15.41 -17.72 -3.77
C CYS H 40 -16.04 -16.44 -3.22
N GLU H 41 -16.29 -16.40 -1.91
CA GLU H 41 -16.82 -15.19 -1.27
C GLU H 41 -15.81 -14.04 -1.39
N MET H 42 -14.55 -14.33 -1.10
CA MET H 42 -13.47 -13.35 -1.21
C MET H 42 -13.22 -12.96 -2.68
N LEU H 43 -13.47 -13.87 -3.61
CA LEU H 43 -13.30 -13.60 -5.03
C LEU H 43 -14.38 -12.65 -5.56
N GLY H 44 -15.62 -12.85 -5.13
CA GLY H 44 -16.73 -12.01 -5.55
C GLY H 44 -16.65 -10.60 -4.98
N LYS H 45 -16.08 -10.50 -3.78
CA LYS H 45 -16.04 -9.25 -3.04
C LYS H 45 -14.76 -8.48 -3.37
N TYR H 46 -13.61 -9.14 -3.19
CA TYR H 46 -12.30 -8.50 -3.26
C TYR H 46 -11.44 -8.90 -4.47
N GLY H 47 -11.96 -9.78 -5.32
CA GLY H 47 -11.19 -10.34 -6.43
C GLY H 47 -10.53 -9.30 -7.31
N SER H 48 -11.29 -8.27 -7.67
CA SER H 48 -10.82 -7.24 -8.59
C SER H 48 -10.30 -5.99 -7.85
N SER H 49 -9.81 -6.19 -6.63
CA SER H 49 -9.31 -5.09 -5.81
C SER H 49 -7.98 -5.47 -5.15
N LEU H 50 -8.04 -6.47 -4.25
CA LEU H 50 -6.86 -6.94 -3.53
C LEU H 50 -5.86 -7.65 -4.44
N GLU H 51 -4.59 -7.61 -4.03
CA GLU H 51 -3.56 -8.46 -4.63
C GLU H 51 -3.90 -9.90 -4.27
N PHE H 52 -3.71 -10.82 -5.21
CA PHE H 52 -4.25 -12.18 -5.05
C PHE H 52 -3.76 -12.92 -3.82
N THR H 53 -2.50 -12.73 -3.44
CA THR H 53 -1.95 -13.36 -2.23
C THR H 53 -2.53 -12.75 -0.96
N GLU H 54 -2.89 -11.46 -1.00
CA GLU H 54 -3.57 -10.83 0.13
C GLU H 54 -4.97 -11.42 0.28
N LEU H 55 -5.63 -11.64 -0.86
CA LEU H 55 -6.95 -12.28 -0.90
C LEU H 55 -6.89 -13.71 -0.36
N LEU H 56 -5.84 -14.45 -0.73
CA LEU H 56 -5.63 -15.82 -0.24
C LEU H 56 -5.37 -15.87 1.28
N THR H 57 -4.84 -14.78 1.84
CA THR H 57 -4.64 -14.69 3.29
C THR H 57 -5.96 -14.49 4.01
N LEU H 58 -6.86 -13.69 3.43
CA LEU H 58 -8.20 -13.55 3.98
C LEU H 58 -8.87 -14.92 4.06
N VAL H 59 -8.69 -15.73 3.03
CA VAL H 59 -9.25 -17.09 3.00
C VAL H 59 -8.65 -17.96 4.10
N ASN H 60 -7.34 -17.85 4.31
CA ASN H 60 -6.69 -18.52 5.44
C ASN H 60 -7.35 -18.16 6.78
N ARG H 61 -7.67 -16.88 6.97
CA ARG H 61 -8.32 -16.41 8.19
C ARG H 61 -9.76 -16.92 8.26
N LYS H 62 -10.52 -16.65 7.21
CA LYS H 62 -11.94 -17.00 7.13
C LYS H 62 -12.18 -18.46 7.51
N VAL H 63 -11.46 -19.36 6.83
CA VAL H 63 -11.63 -20.80 7.05
C VAL H 63 -11.12 -21.26 8.42
N SER H 64 -9.97 -20.76 8.86
CA SER H 64 -9.37 -21.17 10.13
C SER H 64 -10.12 -20.66 11.36
N GLN H 65 -11.02 -19.69 11.17
CA GLN H 65 -11.85 -19.18 12.26
C GLN H 65 -13.16 -19.96 12.43
N ARG H 66 -13.52 -20.77 11.44
CA ARG H 66 -14.75 -21.58 11.49
C ARG H 66 -14.59 -22.81 12.40
N ARG H 67 -15.68 -23.17 13.06
CA ARG H 67 -15.75 -24.41 13.84
C ARG H 67 -17.15 -25.02 13.69
N VAL H 68 -17.30 -26.28 14.09
CA VAL H 68 -18.55 -27.03 13.90
C VAL H 68 -19.72 -26.46 14.69
N ASP H 69 -20.92 -26.92 14.38
CA ASP H 69 -22.16 -26.44 14.99
C ASP H 69 -22.77 -27.46 15.97
N ALA H 76 -11.95 -34.43 18.60
CA ALA H 76 -13.11 -33.92 17.87
C ALA H 76 -13.26 -32.40 18.04
N ILE H 77 -13.18 -31.92 19.28
CA ILE H 77 -13.21 -30.48 19.55
C ILE H 77 -11.80 -29.90 19.45
N GLY H 78 -11.73 -28.62 19.08
CA GLY H 78 -10.45 -27.95 18.83
C GLY H 78 -10.10 -28.02 17.37
N LYS H 79 -10.06 -29.24 16.83
CA LYS H 79 -9.83 -29.50 15.41
C LYS H 79 -10.34 -28.38 14.51
N LYS H 80 -9.47 -27.86 13.64
CA LYS H 80 -9.86 -26.81 12.71
C LYS H 80 -9.20 -27.00 11.34
N GLN H 81 -9.79 -26.40 10.32
CA GLN H 81 -9.25 -26.43 8.96
C GLN H 81 -8.39 -25.20 8.70
N VAL H 82 -7.08 -25.40 8.71
CA VAL H 82 -6.12 -24.35 8.40
C VAL H 82 -5.61 -24.56 6.98
N PRO H 83 -5.98 -23.67 6.04
CA PRO H 83 -5.49 -23.82 4.68
C PRO H 83 -4.07 -23.27 4.53
N CYS H 84 -3.56 -23.27 3.31
CA CYS H 84 -2.19 -22.84 3.03
C CYS H 84 -2.05 -22.47 1.56
N PHE H 85 -1.10 -21.59 1.26
CA PHE H 85 -0.71 -21.34 -0.13
C PHE H 85 0.79 -21.11 -0.27
N ALA H 86 1.38 -21.72 -1.30
CA ALA H 86 2.81 -21.60 -1.56
C ALA H 86 3.01 -20.75 -2.80
N SER H 87 3.89 -19.76 -2.69
CA SER H 87 4.13 -18.81 -3.77
C SER H 87 5.54 -18.89 -4.30
N MET H 88 5.66 -19.11 -5.61
CA MET H 88 6.90 -18.93 -6.33
C MET H 88 6.70 -17.82 -7.35
N LEU H 89 5.82 -16.88 -7.00
CA LEU H 89 5.54 -15.72 -7.84
C LEU H 89 6.66 -14.71 -7.67
N THR H 90 6.94 -13.95 -8.73
CA THR H 90 7.99 -12.94 -8.73
C THR H 90 7.46 -11.51 -8.70
N LYS H 91 6.14 -11.35 -8.82
CA LYS H 91 5.52 -10.02 -8.85
C LYS H 91 4.15 -10.02 -8.16
N LYS H 92 3.60 -8.83 -7.99
CA LYS H 92 2.23 -8.67 -7.50
C LYS H 92 1.24 -9.08 -8.58
N LEU H 93 0.14 -9.70 -8.15
CA LEU H 93 -0.89 -10.18 -9.07
C LEU H 93 -2.24 -9.51 -8.78
N HIS H 94 -2.70 -8.70 -9.73
CA HIS H 94 -4.01 -8.07 -9.64
C HIS H 94 -4.87 -8.53 -10.79
N PHE H 95 -6.19 -8.50 -10.57
CA PHE H 95 -7.16 -8.86 -11.59
C PHE H 95 -8.12 -7.70 -11.84
N PHE H 96 -7.56 -6.51 -12.09
CA PHE H 96 -8.38 -5.34 -12.42
C PHE H 96 -9.19 -5.63 -13.69
N PRO H 97 -10.43 -5.11 -13.78
CA PRO H 97 -11.25 -5.44 -14.94
C PRO H 97 -10.62 -4.97 -16.25
N LYS H 98 -10.72 -5.79 -17.29
CA LYS H 98 -10.08 -5.53 -18.55
C LYS H 98 -10.85 -4.50 -19.37
C1 PHQ I 1 -2.92 29.88 20.90
O1 PHQ I 1 -3.95 30.42 21.30
O2 PHQ I 1 -2.41 28.70 21.59
C2 PHQ I 1 -3.21 27.89 22.45
C3 PHQ I 1 -3.36 26.50 21.88
C4 PHQ I 1 -3.62 25.44 22.75
C5 PHQ I 1 -3.77 24.15 22.25
C6 PHQ I 1 -3.66 23.92 20.89
C7 PHQ I 1 -3.39 24.98 20.02
C8 PHQ I 1 -3.24 26.27 20.51
N VAL I 2 -2.28 30.36 19.81
CA VAL I 2 -2.61 31.71 19.21
C VAL I 2 -3.52 31.54 18.00
N ALA I 3 -4.54 32.39 17.89
CA ALA I 3 -5.55 32.31 16.83
C ALA I 3 -4.93 32.47 15.44
N ASP I 4 -4.91 31.37 14.68
CA ASP I 4 -4.39 31.34 13.30
C ASP I 4 -2.89 31.61 13.19
C1 CF0 I 5 -2.06 31.93 14.43
C1 PHQ J 1 -8.30 27.25 -21.69
O1 PHQ J 1 -7.48 28.13 -22.03
O2 PHQ J 1 -8.23 25.92 -22.28
C2 PHQ J 1 -7.29 25.55 -23.29
C3 PHQ J 1 -6.35 24.45 -22.81
C4 PHQ J 1 -5.52 23.84 -23.74
C5 PHQ J 1 -4.64 22.83 -23.33
C6 PHQ J 1 -4.59 22.45 -21.99
C7 PHQ J 1 -5.43 23.07 -21.06
C8 PHQ J 1 -6.30 24.06 -21.47
N VAL J 2 -9.28 27.54 -20.80
CA VAL J 2 -9.50 28.94 -20.30
C VAL J 2 -8.59 29.23 -19.10
N ALA J 3 -8.19 30.49 -18.97
CA ALA J 3 -7.30 30.93 -17.90
C ALA J 3 -7.95 30.73 -16.53
N ASP J 4 -7.63 29.60 -15.91
CA ASP J 4 -8.02 29.27 -14.53
C ASP J 4 -9.48 28.82 -14.35
C1 CF0 J 5 -10.48 28.92 -15.51
C1 PHQ K 1 -12.64 -34.48 9.70
O1 PHQ K 1 -12.44 -35.27 10.63
O2 PHQ K 1 -13.51 -33.34 9.91
C2 PHQ K 1 -13.72 -32.78 11.21
C3 PHQ K 1 -13.45 -31.28 11.23
C4 PHQ K 1 -14.02 -30.51 12.24
C5 PHQ K 1 -13.79 -29.14 12.29
C6 PHQ K 1 -12.99 -28.54 11.32
C7 PHQ K 1 -12.42 -29.32 10.31
C8 PHQ K 1 -12.65 -30.69 10.27
N VAL K 2 -12.04 -34.67 8.49
CA VAL K 2 -11.06 -35.81 8.28
C VAL K 2 -9.62 -35.31 8.42
N ALA K 3 -8.80 -36.08 9.14
CA ALA K 3 -7.42 -35.69 9.43
C ALA K 3 -6.55 -35.72 8.17
N ASP K 4 -6.10 -34.53 7.75
CA ASP K 4 -5.17 -34.38 6.63
C ASP K 4 -5.77 -34.90 5.31
C1 CF0 K 5 -7.28 -34.97 5.13
#